data_5U7Z
#
_entry.id   5U7Z
#
_cell.length_a   153.667
_cell.length_b   68.312
_cell.length_c   97.805
_cell.angle_alpha   90.00
_cell.angle_beta   120.72
_cell.angle_gamma   90.00
#
_symmetry.space_group_name_H-M   'C 1 2 1'
#
loop_
_entity.id
_entity.type
_entity.pdbx_description
1 polymer 'Acid ceramidase'
2 polymer 'Acid ceramidase'
3 branched beta-D-mannopyranose-(1-4)-2-acetamido-2-deoxy-beta-D-glucopyranose-(1-4)-2-acetamido-2-deoxy-beta-D-glucopyranose
4 non-polymer 'SULFATE ION'
5 non-polymer 2-acetamido-2-deoxy-beta-D-glucopyranose
6 water water
#
loop_
_entity_poly.entity_id
_entity_poly.type
_entity_poly.pdbx_seq_one_letter_code
_entity_poly.pdbx_strand_id
1 'polypeptide(L)'
;DRHHHHHHKLQHAPPWTEDCRKSTYPPSGPTYRGAVPWYTINLDLPPYKRWHELMLDKAPMLKVIVNSLKNMINTFVPSG
KVMQVVDEKLPGLLGNFPGPFEEEMKGIAAVTDIPLGEIISFNIFYELF
;
A,C
2 'polypeptide(L)'
;TICTSIVAEDKKGHLIHGRNMDFGVFLGWNINNDTWVITEQLKPLTVNLDFQRNNKTVFKASSFAGYVGMLTGFKPGLFS
LTLNERFSINGGYLGILEWILGKKDAMWIGFLTRTVLENSTSYEEAKNLLTKTKILAPAYFILGGNQSGEGCVITRDRKE
SLDVYELDAKQGRWYVVQTNYDRWKHPFFLDDRRTPAKMCLNRTSQENISFETMYDVLSTKPVLNKLTVYTTLIDVTKGQ
FETYLRDCPDPCIGW
;
B,D
#
loop_
_chem_comp.id
_chem_comp.type
_chem_comp.name
_chem_comp.formula
BMA D-saccharide, beta linking beta-D-mannopyranose 'C6 H12 O6'
NAG D-saccharide, beta linking 2-acetamido-2-deoxy-beta-D-glucopyranose 'C8 H15 N O6'
SO4 non-polymer 'SULFATE ION' 'O4 S -2'
#
# COMPACT_ATOMS: atom_id res chain seq x y z
N THR A 17 -18.42 22.94 4.04
CA THR A 17 -17.07 22.72 3.53
C THR A 17 -16.01 22.85 4.63
N GLU A 18 -14.75 22.83 4.20
CA GLU A 18 -13.60 22.86 5.09
C GLU A 18 -12.53 23.76 4.48
N ASP A 19 -11.64 24.27 5.34
CA ASP A 19 -10.51 25.04 4.82
C ASP A 19 -9.65 24.14 3.95
N CYS A 20 -9.13 24.71 2.87
CA CYS A 20 -8.37 23.93 1.90
C CYS A 20 -7.17 23.27 2.56
N ARG A 21 -7.03 21.97 2.31
CA ARG A 21 -6.02 21.17 2.97
C ARG A 21 -4.62 21.59 2.54
N LYS A 22 -3.69 21.55 3.50
CA LYS A 22 -2.29 21.89 3.26
C LYS A 22 -1.41 20.72 3.66
N SER A 23 -0.30 20.57 2.94
CA SER A 23 0.74 19.59 3.27
C SER A 23 0.14 18.21 3.49
N THR A 24 -0.53 17.69 2.46
CA THR A 24 -1.07 16.33 2.47
C THR A 24 -0.32 15.41 1.53
N TYR A 25 0.65 15.92 0.78
CA TYR A 25 1.37 15.13 -0.22
C TYR A 25 2.87 15.19 0.07
N PRO A 26 3.59 14.05 -0.05
CA PRO A 26 3.14 12.70 -0.43
C PRO A 26 2.08 12.11 0.50
N PRO A 27 1.29 11.15 0.01
CA PRO A 27 0.14 10.68 0.81
C PRO A 27 0.58 9.99 2.09
N SER A 28 -0.06 10.39 3.19
CA SER A 28 0.08 9.72 4.48
C SER A 28 -1.13 10.10 5.32
N GLY A 29 -1.25 9.47 6.48
CA GLY A 29 -2.28 9.82 7.42
C GLY A 29 -3.56 9.03 7.22
N PRO A 30 -4.62 9.45 7.91
CA PRO A 30 -5.86 8.63 7.92
C PRO A 30 -6.62 8.61 6.60
N THR A 31 -6.33 9.50 5.65
CA THR A 31 -7.05 9.54 4.39
C THR A 31 -6.33 8.78 3.27
N TYR A 32 -5.29 8.02 3.61
CA TYR A 32 -4.50 7.27 2.64
C TYR A 32 -4.54 5.80 3.02
N ARG A 33 -5.48 5.05 2.46
CA ARG A 33 -5.60 3.64 2.80
C ARG A 33 -4.37 2.87 2.36
N GLY A 34 -3.89 3.12 1.14
CA GLY A 34 -2.69 2.43 0.68
C GLY A 34 -2.45 2.67 -0.79
N ALA A 35 -1.33 2.12 -1.25
CA ALA A 35 -0.93 2.25 -2.65
C ALA A 35 -1.70 1.25 -3.51
N VAL A 36 -1.68 1.49 -4.82
CA VAL A 36 -2.38 0.67 -5.79
C VAL A 36 -1.35 -0.17 -6.53
N PRO A 37 -1.53 -1.49 -6.63
CA PRO A 37 -0.52 -2.31 -7.31
C PRO A 37 -0.57 -2.13 -8.82
N TRP A 38 0.57 -2.39 -9.46
CA TRP A 38 0.69 -2.29 -10.90
C TRP A 38 0.61 -3.67 -11.53
N TYR A 39 -0.12 -3.74 -12.65
CA TYR A 39 -0.22 -4.96 -13.45
C TYR A 39 0.00 -4.59 -14.91
N THR A 40 0.59 -5.52 -15.65
CA THR A 40 0.84 -5.34 -17.08
C THR A 40 -0.14 -6.18 -17.89
N ILE A 41 -0.80 -5.55 -18.85
CA ILE A 41 -1.69 -6.24 -19.78
C ILE A 41 -1.01 -6.20 -21.14
N ASN A 42 -0.76 -7.37 -21.71
CA ASN A 42 -0.06 -7.51 -22.97
C ASN A 42 -1.10 -7.63 -24.09
N LEU A 43 -1.25 -6.55 -24.87
CA LEU A 43 -2.23 -6.54 -25.95
C LEU A 43 -1.88 -7.53 -27.06
N ASP A 44 -0.64 -8.02 -27.10
CA ASP A 44 -0.27 -8.99 -28.12
C ASP A 44 -0.95 -10.33 -27.90
N LEU A 45 -1.29 -10.66 -26.66
CA LEU A 45 -2.07 -11.85 -26.39
C LEU A 45 -3.46 -11.71 -27.02
N PRO A 46 -4.12 -12.82 -27.35
CA PRO A 46 -5.51 -12.74 -27.76
C PRO A 46 -6.37 -12.13 -26.67
N PRO A 47 -7.51 -11.52 -27.02
CA PRO A 47 -8.34 -10.87 -25.99
C PRO A 47 -8.77 -11.80 -24.87
N TYR A 48 -9.01 -13.07 -25.19
CA TYR A 48 -9.51 -14.03 -24.20
C TYR A 48 -8.48 -14.31 -23.11
N LYS A 49 -7.22 -13.98 -23.33
CA LYS A 49 -6.15 -14.36 -22.42
C LYS A 49 -5.49 -13.17 -21.72
N ARG A 50 -5.88 -11.93 -22.07
CA ARG A 50 -5.15 -10.77 -21.58
C ARG A 50 -5.29 -10.60 -20.07
N TRP A 51 -6.49 -10.82 -19.53
CA TRP A 51 -6.76 -10.55 -18.12
C TRP A 51 -6.59 -11.79 -17.23
N HIS A 52 -6.06 -12.88 -17.79
CA HIS A 52 -5.94 -14.12 -17.02
C HIS A 52 -5.12 -13.91 -15.75
N GLU A 53 -3.92 -13.33 -15.90
CA GLU A 53 -3.03 -13.16 -14.75
C GLU A 53 -3.69 -12.32 -13.66
N LEU A 54 -4.22 -11.15 -14.03
CA LEU A 54 -4.79 -10.25 -13.03
C LEU A 54 -6.03 -10.85 -12.38
N MET A 55 -6.89 -11.51 -13.17
CA MET A 55 -8.14 -12.03 -12.61
C MET A 55 -7.89 -13.19 -11.65
N LEU A 56 -6.78 -13.92 -11.81
CA LEU A 56 -6.45 -14.96 -10.85
C LEU A 56 -6.27 -14.38 -9.46
N ASP A 57 -5.62 -13.21 -9.36
CA ASP A 57 -5.39 -12.62 -8.05
C ASP A 57 -6.66 -12.02 -7.47
N LYS A 58 -7.54 -11.49 -8.32
CA LYS A 58 -8.66 -10.67 -7.85
C LYS A 58 -10.01 -11.36 -7.95
N ALA A 59 -10.06 -12.61 -8.41
CA ALA A 59 -11.34 -13.31 -8.49
C ALA A 59 -12.04 -13.36 -7.13
N PRO A 60 -11.38 -13.70 -6.02
CA PRO A 60 -12.11 -13.76 -4.74
C PRO A 60 -12.79 -12.45 -4.38
N MET A 61 -12.10 -11.32 -4.50
CA MET A 61 -12.69 -10.05 -4.12
C MET A 61 -13.89 -9.71 -5.00
N LEU A 62 -13.79 -9.96 -6.31
CA LEU A 62 -14.91 -9.69 -7.20
C LEU A 62 -16.11 -10.55 -6.82
N LYS A 63 -15.89 -11.78 -6.34
CA LYS A 63 -17.00 -12.60 -5.90
C LYS A 63 -17.66 -12.01 -4.65
N VAL A 64 -16.89 -11.32 -3.81
CA VAL A 64 -17.47 -10.67 -2.64
C VAL A 64 -18.53 -9.65 -3.08
N ILE A 65 -18.25 -8.90 -4.14
CA ILE A 65 -19.22 -7.94 -4.67
C ILE A 65 -20.47 -8.67 -5.13
N VAL A 66 -20.29 -9.76 -5.90
CA VAL A 66 -21.43 -10.51 -6.41
C VAL A 66 -22.29 -11.01 -5.28
N ASN A 67 -21.67 -11.66 -4.28
CA ASN A 67 -22.43 -12.14 -3.13
C ASN A 67 -23.15 -11.01 -2.44
N SER A 68 -22.48 -9.87 -2.27
CA SER A 68 -23.11 -8.72 -1.65
C SER A 68 -24.23 -8.17 -2.52
N LEU A 69 -24.11 -8.27 -3.84
CA LEU A 69 -25.18 -7.83 -4.73
C LEU A 69 -26.38 -8.78 -4.65
N LYS A 70 -26.12 -10.10 -4.54
CA LYS A 70 -27.20 -11.06 -4.42
C LYS A 70 -28.03 -10.82 -3.16
N ASN A 71 -27.36 -10.56 -2.02
CA ASN A 71 -28.07 -10.38 -0.77
C ASN A 71 -29.05 -9.21 -0.83
N MET A 72 -28.64 -8.09 -1.42
CA MET A 72 -29.53 -6.93 -1.47
C MET A 72 -30.67 -7.19 -2.45
N ILE A 73 -30.39 -7.83 -3.58
CA ILE A 73 -31.43 -8.18 -4.53
C ILE A 73 -32.44 -9.10 -3.86
N ASN A 74 -31.98 -9.95 -2.95
CA ASN A 74 -32.84 -10.92 -2.30
C ASN A 74 -34.04 -10.26 -1.63
N THR A 75 -33.87 -9.03 -1.14
CA THR A 75 -34.97 -8.35 -0.45
C THR A 75 -36.14 -8.13 -1.39
N PHE A 76 -35.91 -7.38 -2.48
CA PHE A 76 -36.98 -7.09 -3.43
C PHE A 76 -37.47 -8.35 -4.13
N VAL A 77 -36.54 -9.22 -4.53
CA VAL A 77 -36.87 -10.42 -5.30
C VAL A 77 -35.86 -11.51 -4.95
N PRO A 78 -36.25 -12.79 -4.93
CA PRO A 78 -35.27 -13.84 -4.66
C PRO A 78 -34.08 -13.76 -5.62
N SER A 79 -32.87 -13.78 -5.05
CA SER A 79 -31.68 -13.54 -5.86
C SER A 79 -31.47 -14.64 -6.89
N GLY A 80 -31.76 -15.88 -6.53
CA GLY A 80 -31.60 -16.98 -7.45
C GLY A 80 -32.31 -16.72 -8.75
N LYS A 81 -33.64 -16.53 -8.69
CA LYS A 81 -34.44 -16.36 -9.89
C LYS A 81 -33.95 -15.19 -10.72
N VAL A 82 -33.45 -14.13 -10.08
CA VAL A 82 -32.92 -12.99 -10.83
C VAL A 82 -31.67 -13.39 -11.60
N MET A 83 -30.75 -14.10 -10.95
CA MET A 83 -29.46 -14.39 -11.57
C MET A 83 -29.56 -15.46 -12.64
N GLN A 84 -30.49 -16.41 -12.50
CA GLN A 84 -30.76 -17.32 -13.62
C GLN A 84 -31.01 -16.51 -14.89
N VAL A 85 -31.84 -15.48 -14.77
CA VAL A 85 -32.18 -14.64 -15.91
C VAL A 85 -30.96 -13.87 -16.40
N VAL A 86 -30.21 -13.27 -15.47
CA VAL A 86 -29.04 -12.50 -15.86
C VAL A 86 -28.03 -13.40 -16.56
N ASP A 87 -27.73 -14.56 -15.97
CA ASP A 87 -26.69 -15.42 -16.53
C ASP A 87 -27.16 -16.09 -17.81
N GLU A 88 -28.42 -16.53 -17.85
CA GLU A 88 -28.93 -17.30 -18.98
C GLU A 88 -29.47 -16.43 -20.10
N LYS A 89 -30.14 -15.33 -19.76
CA LYS A 89 -30.89 -14.54 -20.74
C LYS A 89 -30.15 -13.30 -21.20
N LEU A 90 -29.34 -12.69 -20.34
CA LEU A 90 -28.75 -11.40 -20.69
C LEU A 90 -27.73 -11.50 -21.81
N PRO A 91 -26.78 -12.45 -21.79
CA PRO A 91 -25.79 -12.49 -22.89
C PRO A 91 -26.41 -12.56 -24.27
N GLY A 92 -27.35 -13.49 -24.49
CA GLY A 92 -28.02 -13.57 -25.78
C GLY A 92 -28.87 -12.34 -26.07
N LEU A 93 -29.46 -11.75 -25.03
CA LEU A 93 -30.32 -10.60 -25.24
C LEU A 93 -29.53 -9.40 -25.76
N LEU A 94 -28.38 -9.12 -25.14
CA LEU A 94 -27.56 -7.99 -25.56
C LEU A 94 -26.80 -8.26 -26.85
N GLY A 95 -26.57 -9.53 -27.19
CA GLY A 95 -25.80 -9.86 -28.36
C GLY A 95 -24.31 -9.75 -28.13
N ASN A 96 -23.56 -9.76 -29.23
CA ASN A 96 -22.12 -9.67 -29.16
C ASN A 96 -21.67 -8.20 -29.05
N PHE A 97 -20.59 -8.00 -28.31
CA PHE A 97 -19.89 -6.73 -28.22
C PHE A 97 -18.75 -6.70 -29.24
N PRO A 98 -18.33 -5.52 -29.68
CA PRO A 98 -17.17 -5.46 -30.58
C PRO A 98 -15.91 -5.95 -29.88
N GLY A 99 -14.99 -6.50 -30.67
CA GLY A 99 -13.73 -6.96 -30.13
C GLY A 99 -12.90 -5.79 -29.62
N PRO A 100 -12.09 -6.02 -28.57
CA PRO A 100 -11.82 -7.29 -27.90
C PRO A 100 -12.74 -7.54 -26.71
N PHE A 101 -13.75 -6.70 -26.54
CA PHE A 101 -14.52 -6.69 -25.30
C PHE A 101 -15.26 -8.00 -25.09
N GLU A 102 -15.92 -8.50 -26.13
CA GLU A 102 -16.66 -9.76 -25.99
C GLU A 102 -15.72 -10.89 -25.56
N GLU A 103 -14.57 -11.02 -26.23
CA GLU A 103 -13.61 -12.06 -25.85
C GLU A 103 -12.90 -11.71 -24.56
N GLU A 104 -12.60 -10.42 -24.32
CA GLU A 104 -11.98 -10.05 -23.05
C GLU A 104 -12.89 -10.38 -21.88
N MET A 105 -14.19 -10.11 -22.01
CA MET A 105 -15.11 -10.42 -20.92
C MET A 105 -15.37 -11.92 -20.84
N LYS A 106 -15.45 -12.59 -21.99
CA LYS A 106 -15.58 -14.05 -21.97
C LYS A 106 -14.43 -14.70 -21.21
N GLY A 107 -13.21 -14.19 -21.43
CA GLY A 107 -12.07 -14.73 -20.70
C GLY A 107 -12.16 -14.48 -19.21
N ILE A 108 -12.62 -13.30 -18.82
CA ILE A 108 -12.73 -12.98 -17.39
C ILE A 108 -13.76 -13.89 -16.73
N ALA A 109 -14.83 -14.22 -17.44
CA ALA A 109 -15.86 -15.09 -16.87
C ALA A 109 -15.33 -16.50 -16.63
N ALA A 110 -14.53 -17.02 -17.57
CA ALA A 110 -14.00 -18.37 -17.43
C ALA A 110 -13.01 -18.46 -16.27
N VAL A 111 -12.09 -17.50 -16.19
CA VAL A 111 -11.03 -17.58 -15.18
C VAL A 111 -11.61 -17.39 -13.78
N THR A 112 -12.55 -16.46 -13.61
CA THR A 112 -13.09 -16.16 -12.29
C THR A 112 -14.18 -17.11 -11.87
N ASP A 113 -14.66 -17.97 -12.76
CA ASP A 113 -15.83 -18.82 -12.51
C ASP A 113 -17.08 -17.98 -12.21
N ILE A 114 -17.10 -16.75 -12.69
CA ILE A 114 -18.24 -15.87 -12.56
C ILE A 114 -19.02 -15.93 -13.88
N PRO A 115 -20.34 -16.12 -13.86
CA PRO A 115 -21.08 -16.19 -15.12
C PRO A 115 -20.87 -14.96 -15.98
N LEU A 116 -20.98 -15.15 -17.30
CA LEU A 116 -20.73 -14.07 -18.23
C LEU A 116 -21.71 -12.92 -18.03
N GLY A 117 -22.98 -13.23 -17.75
CA GLY A 117 -23.97 -12.18 -17.58
C GLY A 117 -23.62 -11.23 -16.46
N GLU A 118 -22.99 -11.73 -15.39
CA GLU A 118 -22.57 -10.87 -14.29
C GLU A 118 -21.33 -10.07 -14.67
N ILE A 119 -20.39 -10.69 -15.39
CA ILE A 119 -19.23 -9.94 -15.89
C ILE A 119 -19.68 -8.83 -16.81
N ILE A 120 -20.67 -9.10 -17.67
CA ILE A 120 -21.19 -8.07 -18.56
C ILE A 120 -21.83 -6.94 -17.76
N SER A 121 -22.72 -7.29 -16.83
CA SER A 121 -23.38 -6.29 -16.02
C SER A 121 -22.37 -5.39 -15.33
N PHE A 122 -21.24 -5.98 -14.90
CA PHE A 122 -20.19 -5.19 -14.28
C PHE A 122 -19.58 -4.20 -15.26
N ASN A 123 -19.40 -4.62 -16.52
CA ASN A 123 -18.72 -3.79 -17.51
C ASN A 123 -19.64 -2.76 -18.17
N ILE A 124 -20.95 -2.87 -17.99
CA ILE A 124 -21.88 -1.87 -18.53
C ILE A 124 -22.65 -1.18 -17.40
N PHE A 125 -22.08 -1.16 -16.20
CA PHE A 125 -22.78 -0.58 -15.06
C PHE A 125 -23.05 0.90 -15.26
N TYR A 126 -22.20 1.59 -16.02
CA TYR A 126 -22.43 3.01 -16.28
C TYR A 126 -23.76 3.21 -16.99
N GLU A 127 -23.96 2.51 -18.11
CA GLU A 127 -25.24 2.61 -18.81
C GLU A 127 -26.39 2.20 -17.89
N LEU A 128 -26.19 1.16 -17.08
CA LEU A 128 -27.21 0.76 -16.12
C LEU A 128 -27.37 1.78 -15.00
N PHE A 129 -26.30 2.49 -14.66
CA PHE A 129 -26.28 3.46 -13.55
C PHE A 129 -26.32 2.75 -12.21
N CYS B 3 -17.77 12.16 -8.71
CA CYS B 3 -16.37 12.23 -9.11
C CYS B 3 -15.98 13.66 -9.44
N THR B 4 -14.70 13.96 -9.30
CA THR B 4 -14.17 15.28 -9.62
C THR B 4 -13.01 15.10 -10.59
N SER B 5 -13.01 15.89 -11.66
CA SER B 5 -11.93 15.90 -12.63
C SER B 5 -11.42 17.33 -12.79
N ILE B 6 -10.10 17.50 -12.72
CA ILE B 6 -9.48 18.82 -12.82
C ILE B 6 -8.32 18.74 -13.80
N VAL B 7 -8.30 19.66 -14.75
CA VAL B 7 -7.17 19.87 -15.66
C VAL B 7 -6.64 21.27 -15.39
N ALA B 8 -5.38 21.36 -14.96
CA ALA B 8 -4.80 22.63 -14.54
C ALA B 8 -3.55 22.95 -15.35
N GLU B 9 -3.23 24.24 -15.40
CA GLU B 9 -2.11 24.76 -16.17
C GLU B 9 -1.32 25.72 -15.29
N ASP B 10 -0.05 25.43 -15.07
CA ASP B 10 0.77 26.32 -14.27
C ASP B 10 1.24 27.50 -15.13
N LYS B 11 1.92 28.46 -14.49
CA LYS B 11 2.43 29.62 -15.22
C LYS B 11 3.32 29.19 -16.38
N LYS B 12 4.09 28.13 -16.19
CA LYS B 12 4.98 27.62 -17.22
C LYS B 12 4.25 26.82 -18.31
N GLY B 13 2.91 26.82 -18.29
CA GLY B 13 2.14 26.07 -19.25
C GLY B 13 2.09 24.57 -19.04
N HIS B 14 2.66 24.09 -17.94
CA HIS B 14 2.67 22.66 -17.64
C HIS B 14 1.29 22.22 -17.15
N LEU B 15 0.86 21.04 -17.60
CA LEU B 15 -0.48 20.54 -17.30
C LEU B 15 -0.44 19.52 -16.17
N ILE B 16 -1.42 19.64 -15.27
CA ILE B 16 -1.65 18.66 -14.21
C ILE B 16 -3.09 18.20 -14.32
N HIS B 17 -3.30 16.89 -14.35
CA HIS B 17 -4.64 16.30 -14.43
C HIS B 17 -4.86 15.43 -13.22
N GLY B 18 -5.79 15.83 -12.35
CA GLY B 18 -6.14 15.06 -11.18
C GLY B 18 -7.63 14.74 -11.17
N ARG B 19 -7.98 13.65 -10.49
CA ARG B 19 -9.38 13.26 -10.42
C ARG B 19 -9.62 12.41 -9.19
N ASN B 20 -10.82 12.52 -8.63
CA ASN B 20 -11.29 11.66 -7.56
C ASN B 20 -12.38 10.73 -8.11
N MET B 21 -12.22 9.43 -7.89
CA MET B 21 -13.19 8.44 -8.34
C MET B 21 -14.15 8.15 -7.20
N ASP B 22 -15.35 8.71 -7.29
CA ASP B 22 -16.41 8.48 -6.32
C ASP B 22 -17.45 7.54 -6.92
N PHE B 23 -17.74 6.45 -6.21
CA PHE B 23 -18.72 5.47 -6.68
C PHE B 23 -19.00 4.47 -5.57
N GLY B 24 -20.27 4.09 -5.44
CA GLY B 24 -20.61 2.97 -4.57
C GLY B 24 -21.79 3.14 -3.62
N VAL B 25 -22.78 3.97 -3.98
CA VAL B 25 -23.98 4.05 -3.14
C VAL B 25 -24.95 2.91 -3.41
N PHE B 26 -24.79 2.21 -4.53
CA PHE B 26 -25.85 1.31 -4.99
C PHE B 26 -26.22 0.29 -3.92
N LEU B 27 -25.24 -0.24 -3.22
CA LEU B 27 -25.50 -1.34 -2.30
C LEU B 27 -25.78 -0.88 -0.87
N GLY B 28 -25.70 0.40 -0.59
CA GLY B 28 -26.09 0.93 0.69
C GLY B 28 -24.91 1.31 1.58
N TRP B 29 -25.21 1.45 2.86
CA TRP B 29 -24.34 2.09 3.84
C TRP B 29 -24.03 1.10 4.95
N ASN B 30 -22.76 1.05 5.36
CA ASN B 30 -22.34 0.21 6.48
C ASN B 30 -22.49 1.03 7.75
N ILE B 31 -23.56 0.77 8.50
CA ILE B 31 -23.78 1.46 9.78
C ILE B 31 -22.75 1.07 10.83
N ASN B 32 -21.97 0.00 10.58
CA ASN B 32 -21.00 -0.45 11.57
C ASN B 32 -19.75 0.42 11.59
N ASN B 33 -19.28 0.86 10.43
CA ASN B 33 -18.09 1.71 10.37
C ASN B 33 -18.27 2.93 9.47
N ASP B 34 -19.50 3.29 9.14
CA ASP B 34 -19.81 4.50 8.37
C ASP B 34 -19.04 4.52 7.04
N THR B 35 -19.41 3.57 6.19
CA THR B 35 -18.85 3.49 4.84
C THR B 35 -19.92 2.99 3.89
N TRP B 36 -19.69 3.21 2.60
CA TRP B 36 -20.55 2.65 1.58
C TRP B 36 -20.06 1.24 1.24
N VAL B 37 -21.00 0.31 1.11
CA VAL B 37 -20.63 -1.09 0.93
C VAL B 37 -19.75 -1.26 -0.30
N ILE B 38 -20.23 -0.79 -1.46
CA ILE B 38 -19.50 -0.99 -2.70
C ILE B 38 -18.16 -0.25 -2.65
N THR B 39 -18.16 0.97 -2.13
CA THR B 39 -16.94 1.78 -2.13
C THR B 39 -15.79 1.05 -1.46
N GLU B 40 -16.07 0.44 -0.30
CA GLU B 40 -15.02 -0.30 0.41
C GLU B 40 -14.62 -1.54 -0.36
N GLN B 41 -15.58 -2.18 -1.04
CA GLN B 41 -15.27 -3.38 -1.79
C GLN B 41 -14.52 -3.07 -3.07
N LEU B 42 -14.70 -1.86 -3.61
CA LEU B 42 -13.98 -1.46 -4.82
C LEU B 42 -12.52 -1.12 -4.55
N LYS B 43 -12.17 -0.76 -3.31
CA LYS B 43 -10.79 -0.38 -3.00
C LYS B 43 -9.82 -1.54 -3.23
N PRO B 44 -10.01 -2.71 -2.62
CA PRO B 44 -9.06 -3.82 -2.87
C PRO B 44 -9.12 -4.35 -4.29
N LEU B 45 -10.11 -3.95 -5.09
CA LEU B 45 -10.17 -4.31 -6.50
C LEU B 45 -9.47 -3.30 -7.40
N THR B 46 -9.12 -2.14 -6.89
CA THR B 46 -8.50 -1.10 -7.70
C THR B 46 -7.07 -1.51 -8.07
N VAL B 47 -6.72 -1.29 -9.33
CA VAL B 47 -5.41 -1.69 -9.84
C VAL B 47 -4.93 -0.64 -10.83
N ASN B 48 -3.61 -0.45 -10.87
CA ASN B 48 -2.98 0.31 -11.94
C ASN B 48 -2.57 -0.65 -13.05
N LEU B 49 -2.81 -0.24 -14.29
CA LEU B 49 -2.64 -1.13 -15.43
C LEU B 49 -1.70 -0.50 -16.45
N ASP B 50 -0.69 -1.27 -16.84
CA ASP B 50 0.28 -0.86 -17.85
C ASP B 50 -0.01 -1.66 -19.11
N PHE B 51 -0.76 -1.07 -20.03
CA PHE B 51 -1.10 -1.73 -21.29
C PHE B 51 0.07 -1.59 -22.26
N GLN B 52 0.64 -2.71 -22.67
CA GLN B 52 1.85 -2.72 -23.47
C GLN B 52 1.58 -3.39 -24.81
N ARG B 53 2.24 -2.87 -25.85
CA ARG B 53 2.25 -3.46 -27.18
C ARG B 53 3.71 -3.60 -27.60
N ASN B 54 4.17 -4.85 -27.76
CA ASN B 54 5.56 -5.11 -28.13
C ASN B 54 6.52 -4.57 -27.07
N ASN B 55 6.22 -4.84 -25.80
CA ASN B 55 7.04 -4.40 -24.68
C ASN B 55 7.12 -2.88 -24.60
N LYS B 56 6.21 -2.18 -25.28
CA LYS B 56 6.15 -0.73 -25.24
C LYS B 56 4.83 -0.31 -24.60
N THR B 57 4.89 0.59 -23.64
CA THR B 57 3.68 1.09 -23.02
C THR B 57 2.87 1.87 -24.04
N VAL B 58 1.62 1.47 -24.25
CA VAL B 58 0.69 2.27 -25.05
C VAL B 58 -0.04 3.29 -24.19
N PHE B 59 -0.67 2.81 -23.12
CA PHE B 59 -1.36 3.68 -22.18
C PHE B 59 -1.40 2.99 -20.82
N LYS B 60 -1.54 3.80 -19.78
CA LYS B 60 -1.70 3.33 -18.42
C LYS B 60 -3.03 3.81 -17.87
N ALA B 61 -3.63 3.02 -16.99
CA ALA B 61 -4.96 3.33 -16.50
C ALA B 61 -5.10 2.90 -15.05
N SER B 62 -6.10 3.48 -14.39
CA SER B 62 -6.59 3.02 -13.10
C SER B 62 -7.98 2.43 -13.33
N SER B 63 -8.16 1.17 -12.94
CA SER B 63 -9.39 0.46 -13.24
C SER B 63 -9.72 -0.48 -12.09
N PHE B 64 -10.94 -1.04 -12.15
CA PHE B 64 -11.37 -2.07 -11.22
C PHE B 64 -11.21 -3.42 -11.90
N ALA B 65 -10.52 -4.34 -11.24
CA ALA B 65 -10.26 -5.65 -11.81
C ALA B 65 -11.56 -6.30 -12.27
N GLY B 66 -11.61 -6.67 -13.55
CA GLY B 66 -12.81 -7.20 -14.16
C GLY B 66 -13.53 -6.20 -15.03
N TYR B 67 -13.19 -4.92 -14.93
CA TYR B 67 -13.79 -3.86 -15.72
C TYR B 67 -12.82 -3.51 -16.84
N VAL B 68 -13.19 -3.85 -18.09
CA VAL B 68 -12.27 -3.68 -19.22
C VAL B 68 -12.37 -2.30 -19.85
N GLY B 69 -13.39 -1.51 -19.51
CA GLY B 69 -13.40 -0.13 -19.91
C GLY B 69 -12.50 0.71 -19.02
N MET B 70 -12.17 1.91 -19.50
CA MET B 70 -11.24 2.78 -18.80
C MET B 70 -11.92 4.06 -18.36
N LEU B 71 -11.83 4.35 -17.06
CA LEU B 71 -12.37 5.57 -16.50
C LEU B 71 -11.29 6.58 -16.15
N THR B 72 -10.06 6.13 -15.92
CA THR B 72 -8.94 7.01 -15.61
C THR B 72 -7.71 6.45 -16.30
N GLY B 73 -7.06 7.27 -17.13
CA GLY B 73 -5.87 6.81 -17.82
C GLY B 73 -5.20 7.94 -18.56
N PHE B 74 -4.07 7.62 -19.17
CA PHE B 74 -3.37 8.59 -20.01
C PHE B 74 -2.46 7.84 -20.98
N LYS B 75 -2.09 8.54 -22.05
CA LYS B 75 -1.15 8.03 -23.04
C LYS B 75 0.14 8.82 -22.90
N PRO B 76 1.21 8.25 -22.34
CA PRO B 76 2.39 9.07 -21.99
C PRO B 76 2.83 9.97 -23.15
N GLY B 77 2.97 11.26 -22.84
CA GLY B 77 3.41 12.25 -23.80
C GLY B 77 2.34 12.76 -24.75
N LEU B 78 1.12 12.22 -24.70
CA LEU B 78 0.08 12.59 -25.66
C LEU B 78 -1.11 13.25 -24.97
N PHE B 79 -1.89 12.52 -24.18
CA PHE B 79 -3.09 13.09 -23.57
C PHE B 79 -3.49 12.26 -22.36
N SER B 80 -4.38 12.82 -21.55
CA SER B 80 -4.93 12.18 -20.37
C SER B 80 -6.44 12.32 -20.39
N LEU B 81 -7.14 11.27 -19.98
CA LEU B 81 -8.60 11.20 -20.09
C LEU B 81 -9.20 10.67 -18.79
N THR B 82 -10.20 11.38 -18.29
CA THR B 82 -11.00 10.92 -17.17
C THR B 82 -12.48 11.06 -17.52
N LEU B 83 -13.29 10.20 -16.92
CA LEU B 83 -14.72 10.10 -17.23
C LEU B 83 -15.54 10.36 -15.98
N ASN B 84 -16.51 11.26 -16.07
CA ASN B 84 -17.43 11.55 -14.98
C ASN B 84 -18.84 11.14 -15.40
N GLU B 85 -19.62 10.67 -14.43
CA GLU B 85 -20.97 10.21 -14.71
C GLU B 85 -21.89 11.41 -14.92
N ARG B 86 -22.74 11.32 -15.94
CA ARG B 86 -23.73 12.35 -16.23
C ARG B 86 -25.12 11.72 -16.21
N PHE B 87 -26.03 12.37 -15.49
CA PHE B 87 -27.38 11.85 -15.29
C PHE B 87 -28.38 12.58 -16.18
N SER B 88 -29.35 11.84 -16.70
CA SER B 88 -30.41 12.37 -17.54
C SER B 88 -31.71 11.71 -17.13
N ILE B 89 -32.83 12.26 -17.63
CA ILE B 89 -34.14 11.74 -17.24
C ILE B 89 -34.27 10.28 -17.67
N ASN B 90 -33.83 9.94 -18.88
CA ASN B 90 -34.07 8.61 -19.43
C ASN B 90 -33.03 8.27 -20.49
N GLY B 91 -31.79 8.71 -20.28
CA GLY B 91 -30.76 8.55 -21.28
C GLY B 91 -30.22 7.14 -21.37
N GLY B 92 -29.75 6.59 -20.24
CA GLY B 92 -29.08 5.31 -20.26
C GLY B 92 -29.88 4.21 -20.91
N TYR B 93 -31.17 4.13 -20.59
CA TYR B 93 -31.96 2.97 -20.99
C TYR B 93 -32.50 3.07 -22.41
N LEU B 94 -32.72 4.28 -22.92
CA LEU B 94 -33.15 4.41 -24.30
C LEU B 94 -32.06 3.90 -25.25
N GLY B 95 -30.79 4.16 -24.92
CA GLY B 95 -29.70 3.66 -25.74
C GLY B 95 -29.58 2.14 -25.69
N ILE B 96 -29.68 1.56 -24.49
CA ILE B 96 -29.65 0.10 -24.38
C ILE B 96 -30.82 -0.51 -25.15
N LEU B 97 -31.98 0.14 -25.08
CA LEU B 97 -33.16 -0.41 -25.73
C LEU B 97 -32.98 -0.48 -27.24
N GLU B 98 -32.52 0.61 -27.85
CA GLU B 98 -32.24 0.59 -29.29
C GLU B 98 -31.15 -0.42 -29.62
N TRP B 99 -30.23 -0.66 -28.70
CA TRP B 99 -29.19 -1.67 -28.91
C TRP B 99 -29.79 -3.07 -28.99
N ILE B 100 -30.70 -3.39 -28.07
CA ILE B 100 -31.32 -4.71 -28.07
C ILE B 100 -32.12 -4.92 -29.35
N LEU B 101 -32.85 -3.90 -29.80
CA LEU B 101 -33.62 -4.03 -31.03
C LEU B 101 -32.75 -4.00 -32.27
N GLY B 102 -31.42 -3.96 -32.14
CA GLY B 102 -30.53 -4.17 -33.27
C GLY B 102 -29.80 -2.95 -33.76
N LYS B 103 -30.05 -1.76 -33.21
CA LYS B 103 -29.35 -0.57 -33.66
C LYS B 103 -28.07 -0.46 -32.83
N LYS B 104 -26.95 -0.81 -33.45
CA LYS B 104 -25.66 -0.97 -32.78
C LYS B 104 -24.65 0.08 -33.23
N ASP B 105 -25.12 1.24 -33.69
CA ASP B 105 -24.23 2.28 -34.18
C ASP B 105 -23.74 3.21 -33.08
N ALA B 106 -23.90 2.82 -31.81
CA ALA B 106 -23.42 3.59 -30.68
C ALA B 106 -22.49 2.75 -29.83
N MET B 107 -21.56 3.41 -29.16
CA MET B 107 -20.55 2.73 -28.36
C MET B 107 -20.86 2.86 -26.88
N TRP B 108 -20.55 1.80 -26.12
CA TRP B 108 -20.66 1.85 -24.67
C TRP B 108 -19.59 2.77 -24.11
N ILE B 109 -19.93 3.47 -23.02
CA ILE B 109 -19.08 4.57 -22.55
C ILE B 109 -17.71 4.05 -22.11
N GLY B 110 -17.70 2.95 -21.34
CA GLY B 110 -16.43 2.41 -20.90
C GLY B 110 -15.54 1.95 -22.03
N PHE B 111 -16.15 1.41 -23.10
CA PHE B 111 -15.37 0.93 -24.23
C PHE B 111 -14.85 2.07 -25.10
N LEU B 112 -15.61 3.15 -25.22
CA LEU B 112 -15.16 4.30 -26.00
C LEU B 112 -13.88 4.88 -25.41
N THR B 113 -13.88 5.15 -24.11
CA THR B 113 -12.69 5.68 -23.46
C THR B 113 -11.53 4.69 -23.56
N ARG B 114 -11.82 3.39 -23.55
CA ARG B 114 -10.78 2.39 -23.78
C ARG B 114 -10.26 2.47 -25.21
N THR B 115 -11.16 2.61 -26.19
CA THR B 115 -10.72 2.69 -27.59
C THR B 115 -9.86 3.93 -27.82
N VAL B 116 -10.22 5.05 -27.17
CA VAL B 116 -9.45 6.27 -27.35
C VAL B 116 -8.07 6.13 -26.74
N LEU B 117 -8.00 5.72 -25.47
CA LEU B 117 -6.71 5.54 -24.83
C LEU B 117 -5.84 4.53 -25.57
N GLU B 118 -6.46 3.52 -26.18
CA GLU B 118 -5.70 2.45 -26.81
C GLU B 118 -5.24 2.82 -28.22
N ASN B 119 -6.09 3.46 -29.01
CA ASN B 119 -5.82 3.62 -30.44
C ASN B 119 -5.79 5.07 -30.92
N SER B 120 -6.02 6.05 -30.04
CA SER B 120 -5.87 7.45 -30.42
C SER B 120 -4.43 7.89 -30.18
N THR B 121 -3.91 8.70 -31.11
CA THR B 121 -2.49 9.06 -31.12
C THR B 121 -2.24 10.52 -30.82
N SER B 122 -3.27 11.31 -30.53
CA SER B 122 -3.07 12.73 -30.30
C SER B 122 -4.22 13.27 -29.46
N TYR B 123 -4.00 14.46 -28.89
CA TYR B 123 -5.04 15.12 -28.10
C TYR B 123 -6.23 15.51 -28.97
N GLU B 124 -5.97 15.95 -30.20
CA GLU B 124 -7.06 16.37 -31.08
C GLU B 124 -7.87 15.17 -31.56
N GLU B 125 -7.21 14.06 -31.91
CA GLU B 125 -7.93 12.87 -32.34
C GLU B 125 -8.88 12.38 -31.26
N ALA B 126 -8.39 12.28 -30.02
CA ALA B 126 -9.25 11.88 -28.91
C ALA B 126 -10.38 12.89 -28.72
N LYS B 127 -10.03 14.18 -28.67
CA LYS B 127 -11.04 15.21 -28.54
C LYS B 127 -12.11 15.09 -29.62
N ASN B 128 -11.67 14.91 -30.87
CA ASN B 128 -12.61 14.80 -31.97
C ASN B 128 -13.51 13.58 -31.82
N LEU B 129 -12.92 12.43 -31.43
CA LEU B 129 -13.72 11.22 -31.25
C LEU B 129 -14.67 11.35 -30.07
N LEU B 130 -14.18 11.88 -28.94
CA LEU B 130 -15.02 12.01 -27.77
C LEU B 130 -16.17 12.97 -28.01
N THR B 131 -15.99 13.94 -28.91
CA THR B 131 -17.04 14.92 -29.20
C THR B 131 -18.10 14.35 -30.14
N LYS B 132 -17.69 13.51 -31.09
CA LYS B 132 -18.55 13.14 -32.21
C LYS B 132 -19.14 11.74 -32.08
N THR B 133 -18.52 10.85 -31.32
CA THR B 133 -18.91 9.45 -31.32
C THR B 133 -20.24 9.27 -30.60
N LYS B 134 -21.13 8.50 -31.23
CA LYS B 134 -22.41 8.20 -30.61
C LYS B 134 -22.21 7.25 -29.42
N ILE B 135 -22.93 7.52 -28.35
CA ILE B 135 -22.82 6.75 -27.13
C ILE B 135 -24.22 6.38 -26.66
N LEU B 136 -24.29 5.30 -25.89
CA LEU B 136 -25.57 4.80 -25.40
C LEU B 136 -26.07 5.55 -24.17
N ALA B 137 -25.25 6.41 -23.58
CA ALA B 137 -25.65 7.13 -22.37
C ALA B 137 -24.89 8.44 -22.30
N PRO B 138 -25.44 9.46 -21.63
CA PRO B 138 -24.72 10.72 -21.49
C PRO B 138 -23.52 10.57 -20.57
N ALA B 139 -22.59 11.52 -20.70
CA ALA B 139 -21.35 11.43 -19.94
C ALA B 139 -20.60 12.75 -20.02
N TYR B 140 -19.63 12.91 -19.13
CA TYR B 140 -18.66 14.00 -19.18
C TYR B 140 -17.30 13.41 -19.53
N PHE B 141 -16.61 14.02 -20.49
CA PHE B 141 -15.24 13.65 -20.82
C PHE B 141 -14.32 14.81 -20.49
N ILE B 142 -13.31 14.55 -19.67
CA ILE B 142 -12.30 15.54 -19.29
C ILE B 142 -10.99 15.12 -19.92
N LEU B 143 -10.46 15.96 -20.81
CA LEU B 143 -9.31 15.63 -21.63
C LEU B 143 -8.20 16.64 -21.39
N GLY B 144 -6.98 16.14 -21.24
CA GLY B 144 -5.79 16.98 -21.17
C GLY B 144 -4.81 16.56 -22.24
N GLY B 145 -4.02 17.53 -22.71
CA GLY B 145 -3.12 17.32 -23.81
C GLY B 145 -1.66 17.31 -23.38
N ASN B 146 -0.78 17.36 -24.38
CA ASN B 146 0.65 17.37 -24.14
C ASN B 146 1.26 18.76 -24.35
N GLN B 147 0.43 19.80 -24.44
CA GLN B 147 0.89 21.17 -24.60
C GLN B 147 0.02 22.07 -23.71
N SER B 148 0.45 23.32 -23.60
CA SER B 148 -0.31 24.30 -22.83
C SER B 148 -1.59 24.66 -23.58
N GLY B 149 -2.66 24.88 -22.83
CA GLY B 149 -3.95 25.21 -23.41
C GLY B 149 -4.78 24.03 -23.85
N GLU B 150 -4.22 22.82 -23.86
CA GLU B 150 -4.95 21.64 -24.32
C GLU B 150 -5.66 20.99 -23.15
N GLY B 151 -6.79 21.59 -22.79
CA GLY B 151 -7.66 21.02 -21.77
C GLY B 151 -9.11 21.35 -22.08
N CYS B 152 -10.00 20.37 -21.93
CA CYS B 152 -11.40 20.62 -22.22
C CYS B 152 -12.27 19.65 -21.45
N VAL B 153 -13.51 20.07 -21.20
CA VAL B 153 -14.56 19.22 -20.65
C VAL B 153 -15.63 19.08 -21.72
N ILE B 154 -15.96 17.85 -22.09
CA ILE B 154 -16.95 17.57 -23.11
C ILE B 154 -18.21 17.06 -22.42
N THR B 155 -19.22 17.91 -22.35
CA THR B 155 -20.53 17.49 -21.86
C THR B 155 -21.29 16.83 -23.00
N ARG B 156 -21.58 15.54 -22.86
CA ARG B 156 -22.11 14.74 -23.96
C ARG B 156 -23.57 14.38 -23.76
N ASP B 157 -24.30 14.36 -24.87
CA ASP B 157 -25.56 13.66 -25.01
C ASP B 157 -25.29 12.37 -25.78
N ARG B 158 -26.29 11.50 -25.84
CA ARG B 158 -26.09 10.22 -26.52
C ARG B 158 -25.65 10.45 -27.97
N LYS B 159 -26.22 11.46 -28.64
CA LYS B 159 -25.95 11.70 -30.05
C LYS B 159 -25.48 13.14 -30.31
N GLU B 160 -25.08 13.88 -29.27
CA GLU B 160 -24.71 15.27 -29.45
C GLU B 160 -23.72 15.70 -28.37
N SER B 161 -22.90 16.69 -28.71
CA SER B 161 -21.99 17.34 -27.77
C SER B 161 -22.60 18.67 -27.36
N LEU B 162 -23.09 18.77 -26.12
CA LEU B 162 -23.79 19.96 -25.68
C LEU B 162 -22.84 21.12 -25.41
N ASP B 163 -21.60 20.84 -25.02
CA ASP B 163 -20.66 21.90 -24.68
C ASP B 163 -19.25 21.32 -24.60
N VAL B 164 -18.29 22.11 -25.06
CA VAL B 164 -16.86 21.79 -24.90
C VAL B 164 -16.22 23.00 -24.24
N TYR B 165 -15.82 22.84 -22.98
CA TYR B 165 -15.30 23.93 -22.16
C TYR B 165 -13.78 23.83 -22.08
N GLU B 166 -13.08 24.82 -22.64
CA GLU B 166 -11.65 24.74 -22.85
C GLU B 166 -10.90 25.77 -22.01
N LEU B 167 -9.63 25.45 -21.74
CA LEU B 167 -8.75 26.38 -21.05
C LEU B 167 -8.54 27.64 -21.89
N ASP B 168 -8.47 28.79 -21.22
CA ASP B 168 -8.23 30.08 -21.87
C ASP B 168 -7.28 30.90 -21.00
N ALA B 169 -5.96 30.77 -21.28
CA ALA B 169 -4.99 31.57 -20.55
C ALA B 169 -5.25 33.05 -20.77
N LYS B 170 -5.78 33.43 -21.93
CA LYS B 170 -6.17 34.81 -22.17
C LYS B 170 -7.16 35.29 -21.11
N GLN B 171 -8.26 34.54 -20.93
CA GLN B 171 -9.30 34.95 -19.99
C GLN B 171 -8.88 34.80 -18.54
N GLY B 172 -7.85 34.02 -18.25
CA GLY B 172 -7.53 33.67 -16.89
C GLY B 172 -8.00 32.30 -16.48
N ARG B 173 -8.41 31.47 -17.43
CA ARG B 173 -8.89 30.11 -17.16
C ARG B 173 -7.71 29.17 -17.23
N TRP B 174 -7.05 28.96 -16.10
CA TRP B 174 -5.93 28.04 -16.02
C TRP B 174 -6.34 26.65 -15.56
N TYR B 175 -7.64 26.41 -15.36
CA TYR B 175 -8.14 25.08 -15.05
C TYR B 175 -9.57 24.93 -15.57
N VAL B 176 -9.98 23.67 -15.70
CA VAL B 176 -11.37 23.31 -15.96
C VAL B 176 -11.76 22.24 -14.96
N VAL B 177 -12.90 22.43 -14.30
CA VAL B 177 -13.40 21.50 -13.28
C VAL B 177 -14.70 20.90 -13.76
N GLN B 178 -14.88 19.60 -13.49
CA GLN B 178 -16.12 18.92 -13.81
C GLN B 178 -16.43 17.95 -12.70
N THR B 179 -17.66 18.04 -12.18
CA THR B 179 -18.15 17.07 -11.21
C THR B 179 -19.26 16.24 -11.84
N ASN B 180 -20.49 16.32 -11.32
CA ASN B 180 -21.57 15.49 -11.81
C ASN B 180 -22.82 16.29 -12.18
N TYR B 181 -22.68 17.59 -12.41
CA TYR B 181 -23.81 18.40 -12.88
C TYR B 181 -23.31 19.37 -13.94
N ASP B 182 -24.18 19.67 -14.90
CA ASP B 182 -23.81 20.54 -16.00
C ASP B 182 -23.37 21.91 -15.49
N ARG B 183 -22.29 22.43 -16.10
CA ARG B 183 -21.65 23.63 -15.58
C ARG B 183 -22.60 24.80 -15.49
N TRP B 184 -23.46 24.98 -16.49
CA TRP B 184 -24.36 26.12 -16.55
C TRP B 184 -25.62 25.94 -15.71
N LYS B 185 -25.75 24.83 -14.98
CA LYS B 185 -26.92 24.56 -14.17
C LYS B 185 -26.55 24.63 -12.67
N HIS B 186 -27.27 23.90 -11.84
CA HIS B 186 -27.08 23.90 -10.40
C HIS B 186 -26.94 22.48 -9.88
N PRO B 187 -26.25 22.29 -8.76
CA PRO B 187 -26.10 20.94 -8.20
C PRO B 187 -27.38 20.46 -7.52
N PHE B 188 -27.48 19.14 -7.39
CA PHE B 188 -28.66 18.51 -6.82
C PHE B 188 -28.73 18.64 -5.30
N PHE B 189 -27.60 18.80 -4.62
CA PHE B 189 -27.56 18.67 -3.17
C PHE B 189 -26.74 19.80 -2.56
N LEU B 190 -26.40 19.63 -1.28
CA LEU B 190 -25.51 20.56 -0.58
C LEU B 190 -24.06 20.34 -0.95
N ASP B 191 -23.67 19.10 -1.23
CA ASP B 191 -22.26 18.76 -1.35
C ASP B 191 -21.55 19.74 -2.27
N ASP B 192 -22.11 19.98 -3.45
CA ASP B 192 -21.54 20.93 -4.40
C ASP B 192 -20.02 20.86 -4.32
N ARG B 193 -19.44 19.74 -4.76
CA ARG B 193 -17.99 19.60 -4.70
C ARG B 193 -17.28 20.50 -5.69
N ARG B 194 -17.99 21.02 -6.70
CA ARG B 194 -17.35 21.89 -7.67
C ARG B 194 -16.90 23.20 -7.04
N THR B 195 -17.78 23.85 -6.29
CA THR B 195 -17.46 25.17 -5.73
C THR B 195 -16.26 25.11 -4.78
N PRO B 196 -16.18 24.17 -3.84
CA PRO B 196 -14.96 24.09 -3.02
C PRO B 196 -13.70 23.80 -3.82
N ALA B 197 -13.80 22.97 -4.87
CA ALA B 197 -12.64 22.71 -5.71
C ALA B 197 -12.11 24.01 -6.32
N LYS B 198 -13.02 24.86 -6.81
CA LYS B 198 -12.60 26.13 -7.39
C LYS B 198 -12.03 27.06 -6.33
N MET B 199 -12.65 27.08 -5.14
CA MET B 199 -12.13 27.88 -4.05
C MET B 199 -10.71 27.47 -3.69
N CYS B 200 -10.46 26.17 -3.62
CA CYS B 200 -9.12 25.69 -3.29
C CYS B 200 -8.17 25.82 -4.47
N LEU B 201 -8.66 25.58 -5.69
CA LEU B 201 -7.84 25.86 -6.87
C LEU B 201 -7.49 27.34 -6.94
N ASN B 202 -8.46 28.21 -6.62
CA ASN B 202 -8.20 29.64 -6.66
C ASN B 202 -7.16 30.03 -5.62
N ARG B 203 -7.28 29.51 -4.39
CA ARG B 203 -6.33 29.86 -3.35
C ARG B 203 -4.92 29.38 -3.70
N THR B 204 -4.81 28.23 -4.36
CA THR B 204 -3.49 27.75 -4.77
C THR B 204 -2.86 28.71 -5.77
N SER B 205 -3.66 29.27 -6.68
CA SER B 205 -3.18 30.19 -7.70
C SER B 205 -2.42 29.45 -8.79
N GLN B 206 -2.43 30.00 -10.01
CA GLN B 206 -1.87 29.28 -11.16
C GLN B 206 -0.41 28.96 -10.97
N GLU B 207 0.36 29.85 -10.34
CA GLU B 207 1.80 29.66 -10.24
C GLU B 207 2.15 28.40 -9.46
N ASN B 208 1.35 28.03 -8.46
CA ASN B 208 1.72 26.98 -7.52
C ASN B 208 1.04 25.65 -7.79
N ILE B 209 0.28 25.52 -8.88
CA ILE B 209 -0.41 24.25 -9.14
C ILE B 209 0.62 23.17 -9.46
N SER B 210 0.46 22.01 -8.86
CA SER B 210 1.41 20.91 -8.99
C SER B 210 0.74 19.65 -8.48
N PHE B 211 1.48 18.53 -8.55
CA PHE B 211 1.00 17.29 -7.96
C PHE B 211 0.68 17.46 -6.48
N GLU B 212 1.47 18.27 -5.78
CA GLU B 212 1.27 18.42 -4.33
C GLU B 212 0.02 19.24 -4.03
N THR B 213 -0.15 20.38 -4.71
CA THR B 213 -1.32 21.21 -4.46
C THR B 213 -2.58 20.64 -5.09
N MET B 214 -2.46 19.94 -6.22
CA MET B 214 -3.62 19.28 -6.79
C MET B 214 -4.16 18.23 -5.83
N TYR B 215 -3.28 17.44 -5.23
CA TYR B 215 -3.71 16.45 -4.24
C TYR B 215 -4.30 17.13 -3.00
N ASP B 216 -3.89 18.37 -2.72
CA ASP B 216 -4.51 19.12 -1.63
C ASP B 216 -5.96 19.43 -1.95
N VAL B 217 -6.25 19.85 -3.19
CA VAL B 217 -7.61 20.14 -3.59
C VAL B 217 -8.48 18.89 -3.45
N LEU B 218 -7.98 17.76 -3.91
CA LEU B 218 -8.74 16.51 -3.90
C LEU B 218 -8.74 15.84 -2.54
N SER B 219 -8.12 16.44 -1.53
CA SER B 219 -8.16 15.95 -0.16
C SER B 219 -9.04 16.81 0.75
N THR B 220 -9.68 17.84 0.20
CA THR B 220 -10.53 18.73 0.97
C THR B 220 -11.98 18.29 0.84
N LYS B 221 -12.67 18.19 1.98
CA LYS B 221 -14.08 17.85 1.97
C LYS B 221 -14.87 19.04 1.44
N PRO B 222 -15.92 18.79 0.64
CA PRO B 222 -16.47 17.49 0.25
C PRO B 222 -15.82 16.88 -1.00
N VAL B 223 -14.80 17.53 -1.57
CA VAL B 223 -14.13 16.96 -2.73
C VAL B 223 -13.61 15.57 -2.40
N LEU B 224 -13.05 15.39 -1.20
CA LEU B 224 -12.84 14.08 -0.63
C LEU B 224 -14.05 13.73 0.21
N ASN B 225 -14.58 12.51 0.02
CA ASN B 225 -15.81 12.12 0.69
C ASN B 225 -15.83 10.61 0.85
N LYS B 226 -16.93 10.11 1.43
CA LYS B 226 -17.03 8.69 1.74
C LYS B 226 -17.07 7.83 0.48
N LEU B 227 -17.57 8.38 -0.63
CA LEU B 227 -17.64 7.62 -1.88
C LEU B 227 -16.30 7.55 -2.60
N THR B 228 -15.29 8.29 -2.14
CA THR B 228 -14.03 8.39 -2.85
C THR B 228 -13.26 7.08 -2.73
N VAL B 229 -13.18 6.34 -3.84
CA VAL B 229 -12.41 5.09 -3.84
C VAL B 229 -10.92 5.39 -3.93
N TYR B 230 -10.51 6.24 -4.88
CA TYR B 230 -9.11 6.54 -5.08
C TYR B 230 -8.95 7.93 -5.67
N THR B 231 -7.74 8.46 -5.53
CA THR B 231 -7.33 9.74 -6.12
C THR B 231 -6.22 9.48 -7.13
N THR B 232 -6.29 10.14 -8.28
CA THR B 232 -5.31 9.98 -9.33
C THR B 232 -4.68 11.32 -9.69
N LEU B 233 -3.37 11.32 -9.88
CA LEU B 233 -2.62 12.49 -10.33
C LEU B 233 -1.85 12.10 -11.58
N ILE B 234 -1.93 12.94 -12.62
CA ILE B 234 -1.40 12.61 -13.93
C ILE B 234 -0.60 13.79 -14.46
N ASP B 235 0.53 13.49 -15.10
CA ASP B 235 1.31 14.48 -15.82
C ASP B 235 1.76 13.84 -17.13
N VAL B 236 1.25 14.34 -18.25
CA VAL B 236 1.42 13.65 -19.53
C VAL B 236 2.87 13.76 -20.00
N THR B 237 3.42 14.97 -20.03
CA THR B 237 4.75 15.17 -20.59
C THR B 237 5.81 14.47 -19.75
N LYS B 238 5.70 14.57 -18.41
CA LYS B 238 6.64 13.86 -17.54
C LYS B 238 6.42 12.36 -17.58
N GLY B 239 5.20 11.92 -17.82
CA GLY B 239 4.91 10.49 -17.84
C GLY B 239 4.61 9.89 -16.49
N GLN B 240 4.27 10.71 -15.49
CA GLN B 240 4.02 10.23 -14.14
C GLN B 240 2.53 10.03 -13.94
N PHE B 241 2.16 8.91 -13.34
CA PHE B 241 0.77 8.51 -13.18
C PHE B 241 0.67 7.79 -11.85
N GLU B 242 -0.03 8.39 -10.89
CA GLU B 242 -0.10 7.84 -9.54
C GLU B 242 -1.55 7.77 -9.08
N THR B 243 -1.88 6.69 -8.38
CA THR B 243 -3.22 6.47 -7.86
C THR B 243 -3.11 6.02 -6.41
N TYR B 244 -3.90 6.63 -5.54
CA TYR B 244 -3.88 6.30 -4.11
C TYR B 244 -5.29 6.02 -3.64
N LEU B 245 -5.47 4.91 -2.93
CA LEU B 245 -6.74 4.64 -2.27
C LEU B 245 -6.94 5.65 -1.16
N ARG B 246 -8.19 6.05 -0.94
CA ARG B 246 -8.51 7.11 0.01
C ARG B 246 -9.44 6.59 1.10
N ASP B 247 -9.41 7.30 2.22
CA ASP B 247 -10.37 7.14 3.29
C ASP B 247 -10.80 8.51 3.76
N CYS B 248 -12.05 8.62 4.20
CA CYS B 248 -12.58 9.85 4.81
C CYS B 248 -13.09 9.48 6.19
N PRO B 249 -12.22 9.48 7.20
CA PRO B 249 -12.68 9.08 8.54
C PRO B 249 -13.65 10.09 9.10
N ASP B 250 -14.55 9.60 9.94
CA ASP B 250 -15.49 10.48 10.61
C ASP B 250 -14.71 11.51 11.41
N PRO B 251 -15.15 12.79 11.38
CA PRO B 251 -16.33 13.27 10.64
C PRO B 251 -16.04 13.52 9.16
N CYS B 252 -17.00 13.20 8.31
CA CYS B 252 -16.90 13.45 6.88
C CYS B 252 -18.32 13.62 6.34
N ILE B 253 -18.51 13.42 5.04
CA ILE B 253 -19.81 13.57 4.40
C ILE B 253 -20.07 12.37 3.51
N GLY B 254 -21.37 12.10 3.28
CA GLY B 254 -21.74 10.92 2.52
C GLY B 254 -21.26 10.96 1.08
N TRP B 255 -21.49 12.08 0.41
CA TRP B 255 -21.11 12.23 -1.00
C TRP B 255 -20.83 13.69 -1.35
N THR C 17 9.90 -29.21 2.15
CA THR C 17 8.98 -28.18 2.62
C THR C 17 8.11 -27.72 1.44
N GLU C 18 8.58 -26.72 0.71
CA GLU C 18 7.90 -26.23 -0.47
C GLU C 18 8.96 -25.93 -1.54
N ASP C 19 8.56 -26.04 -2.81
CA ASP C 19 9.45 -25.67 -3.89
C ASP C 19 9.74 -24.17 -3.83
N CYS C 20 10.98 -23.80 -4.13
CA CYS C 20 11.36 -22.40 -4.06
C CYS C 20 10.51 -21.59 -5.04
N ARG C 21 9.90 -20.54 -4.53
CA ARG C 21 8.92 -19.78 -5.31
C ARG C 21 9.61 -18.92 -6.35
N LYS C 22 9.02 -18.87 -7.54
CA LYS C 22 9.52 -18.10 -8.66
C LYS C 22 8.54 -16.98 -9.02
N SER C 23 9.09 -15.89 -9.56
CA SER C 23 8.29 -14.78 -10.07
C SER C 23 7.29 -14.28 -9.02
N THR C 24 7.84 -13.83 -7.89
CA THR C 24 7.05 -13.21 -6.84
C THR C 24 7.31 -11.71 -6.71
N TYR C 25 8.26 -11.18 -7.47
CA TYR C 25 8.62 -9.78 -7.36
C TYR C 25 8.54 -9.09 -8.73
N PRO C 26 8.04 -7.85 -8.80
CA PRO C 26 7.52 -7.00 -7.71
C PRO C 26 6.35 -7.62 -6.94
N PRO C 27 6.15 -7.19 -5.69
CA PRO C 27 5.17 -7.87 -4.83
C PRO C 27 3.74 -7.71 -5.34
N SER C 28 3.03 -8.83 -5.40
CA SER C 28 1.60 -8.86 -5.69
C SER C 28 1.08 -10.19 -5.19
N GLY C 29 -0.25 -10.34 -5.25
CA GLY C 29 -0.87 -11.60 -4.92
C GLY C 29 -1.26 -11.74 -3.46
N PRO C 30 -1.64 -12.96 -3.06
CA PRO C 30 -2.22 -13.15 -1.72
C PRO C 30 -1.21 -13.03 -0.59
N THR C 31 0.09 -13.08 -0.84
CA THR C 31 1.08 -13.00 0.22
C THR C 31 1.62 -11.58 0.41
N TYR C 32 1.00 -10.60 -0.25
CA TYR C 32 1.43 -9.20 -0.17
C TYR C 32 0.23 -8.38 0.31
N ARG C 33 0.15 -8.17 1.63
CA ARG C 33 -0.98 -7.40 2.17
C ARG C 33 -0.98 -5.98 1.66
N GLY C 34 0.18 -5.34 1.63
CA GLY C 34 0.27 -3.98 1.12
C GLY C 34 1.62 -3.37 1.42
N ALA C 35 1.80 -2.17 0.89
CA ALA C 35 3.03 -1.42 1.08
C ALA C 35 3.05 -0.76 2.46
N VAL C 36 4.24 -0.33 2.86
CA VAL C 36 4.45 0.29 4.16
C VAL C 36 4.60 1.80 3.97
N PRO C 37 3.86 2.63 4.70
CA PRO C 37 3.95 4.08 4.50
C PRO C 37 5.26 4.63 5.08
N TRP C 38 5.68 5.75 4.51
CA TRP C 38 6.91 6.41 4.92
C TRP C 38 6.62 7.60 5.84
N TYR C 39 7.44 7.73 6.88
CA TYR C 39 7.41 8.87 7.79
C TYR C 39 8.83 9.37 7.98
N THR C 40 8.97 10.67 8.18
CA THR C 40 10.26 11.30 8.42
C THR C 40 10.37 11.70 9.89
N ILE C 41 11.44 11.29 10.54
CA ILE C 41 11.76 11.70 11.91
C ILE C 41 12.96 12.63 11.84
N ASN C 42 12.77 13.86 12.31
CA ASN C 42 13.81 14.88 12.27
C ASN C 42 14.53 14.90 13.61
N LEU C 43 15.75 14.38 13.63
CA LEU C 43 16.53 14.29 14.86
C LEU C 43 16.91 15.65 15.42
N ASP C 44 16.78 16.72 14.63
CA ASP C 44 17.11 18.06 15.14
C ASP C 44 16.09 18.51 16.18
N LEU C 45 14.87 18.00 16.11
CA LEU C 45 13.89 18.27 17.15
C LEU C 45 14.38 17.65 18.46
N PRO C 46 13.97 18.19 19.61
CA PRO C 46 14.28 17.52 20.87
C PRO C 46 13.68 16.14 20.88
N PRO C 47 14.23 15.21 21.67
CA PRO C 47 13.67 13.85 21.69
C PRO C 47 12.19 13.81 22.04
N TYR C 48 11.73 14.74 22.88
CA TYR C 48 10.35 14.73 23.35
C TYR C 48 9.34 15.01 22.23
N LYS C 49 9.78 15.58 21.11
CA LYS C 49 8.87 15.96 20.02
C LYS C 49 9.03 15.11 18.77
N ARG C 50 10.00 14.20 18.73
CA ARG C 50 10.31 13.52 17.47
C ARG C 50 9.16 12.66 16.98
N TRP C 51 8.51 11.92 17.88
CA TRP C 51 7.48 10.96 17.50
C TRP C 51 6.07 11.53 17.58
N HIS C 52 5.94 12.84 17.81
CA HIS C 52 4.62 13.45 17.97
C HIS C 52 3.75 13.22 16.73
N GLU C 53 4.28 13.57 15.56
CA GLU C 53 3.51 13.44 14.33
C GLU C 53 3.06 12.01 14.09
N LEU C 54 4.01 11.07 14.15
CA LEU C 54 3.69 9.68 13.84
C LEU C 54 2.74 9.09 14.87
N MET C 55 2.94 9.40 16.14
CA MET C 55 2.10 8.80 17.18
C MET C 55 0.67 9.31 17.10
N LEU C 56 0.47 10.54 16.61
CA LEU C 56 -0.89 11.02 16.40
C LEU C 56 -1.64 10.14 15.41
N ASP C 57 -0.93 9.70 14.35
CA ASP C 57 -1.57 8.88 13.32
C ASP C 57 -1.83 7.46 13.82
N LYS C 58 -0.94 6.92 14.65
CA LYS C 58 -0.95 5.51 15.01
C LYS C 58 -1.36 5.23 16.44
N ALA C 59 -1.70 6.26 17.22
CA ALA C 59 -2.12 6.02 18.60
C ALA C 59 -3.28 5.03 18.70
N PRO C 60 -4.34 5.15 17.89
CA PRO C 60 -5.45 4.18 18.04
C PRO C 60 -5.02 2.74 17.90
N MET C 61 -4.21 2.42 16.88
CA MET C 61 -3.81 1.04 16.67
C MET C 61 -2.97 0.52 17.83
N LEU C 62 -2.05 1.33 18.34
CA LEU C 62 -1.26 0.91 19.49
C LEU C 62 -2.15 0.63 20.69
N LYS C 63 -3.23 1.38 20.86
CA LYS C 63 -4.15 1.10 21.96
C LYS C 63 -4.84 -0.26 21.77
N VAL C 64 -5.07 -0.67 20.53
CA VAL C 64 -5.67 -1.97 20.27
C VAL C 64 -4.81 -3.08 20.87
N ILE C 65 -3.49 -2.98 20.71
CA ILE C 65 -2.59 -3.99 21.26
C ILE C 65 -2.70 -4.01 22.78
N VAL C 66 -2.65 -2.83 23.40
CA VAL C 66 -2.71 -2.73 24.86
C VAL C 66 -4.02 -3.35 25.36
N ASN C 67 -5.13 -2.98 24.73
CA ASN C 67 -6.42 -3.56 25.13
C ASN C 67 -6.39 -5.08 25.01
N SER C 68 -5.82 -5.59 23.93
CA SER C 68 -5.70 -7.04 23.76
C SER C 68 -4.78 -7.64 24.81
N LEU C 69 -3.77 -6.89 25.27
CA LEU C 69 -2.90 -7.40 26.33
C LEU C 69 -3.65 -7.46 27.66
N LYS C 70 -4.51 -6.48 27.93
CA LYS C 70 -5.29 -6.51 29.15
C LYS C 70 -6.19 -7.73 29.19
N ASN C 71 -6.84 -8.05 28.07
CA ASN C 71 -7.75 -9.20 28.04
C ASN C 71 -7.01 -10.49 28.35
N MET C 72 -5.82 -10.67 27.77
CA MET C 72 -5.07 -11.90 28.01
C MET C 72 -4.51 -11.94 29.43
N ILE C 73 -4.02 -10.80 29.93
CA ILE C 73 -3.53 -10.73 31.29
C ILE C 73 -4.63 -11.08 32.27
N ASN C 74 -5.88 -10.71 31.95
CA ASN C 74 -6.99 -10.94 32.86
C ASN C 74 -7.10 -12.41 33.25
N THR C 75 -6.73 -13.32 32.36
CA THR C 75 -6.85 -14.74 32.64
C THR C 75 -5.99 -15.12 33.84
N PHE C 76 -4.68 -14.90 33.75
CA PHE C 76 -3.79 -15.29 34.84
C PHE C 76 -4.08 -14.48 36.09
N VAL C 77 -4.27 -13.17 35.95
CA VAL C 77 -4.48 -12.26 37.08
C VAL C 77 -5.34 -11.11 36.58
N PRO C 78 -6.20 -10.50 37.40
CA PRO C 78 -6.99 -9.36 36.92
C PRO C 78 -6.11 -8.28 36.31
N SER C 79 -6.49 -7.84 35.11
CA SER C 79 -5.64 -6.95 34.32
C SER C 79 -5.48 -5.59 34.99
N GLY C 80 -6.55 -5.07 35.58
CA GLY C 80 -6.48 -3.77 36.22
C GLY C 80 -5.35 -3.69 37.23
N LYS C 81 -5.40 -4.54 38.25
CA LYS C 81 -4.39 -4.50 39.31
C LYS C 81 -2.99 -4.74 38.76
N VAL C 82 -2.86 -5.54 37.70
CA VAL C 82 -1.55 -5.73 37.08
C VAL C 82 -1.07 -4.43 36.45
N MET C 83 -1.97 -3.72 35.77
CA MET C 83 -1.55 -2.53 35.02
C MET C 83 -1.25 -1.36 35.94
N GLN C 84 -1.93 -1.26 37.09
CA GLN C 84 -1.55 -0.28 38.09
C GLN C 84 -0.08 -0.43 38.45
N VAL C 85 0.36 -1.68 38.68
CA VAL C 85 1.74 -1.93 39.07
C VAL C 85 2.70 -1.55 37.95
N VAL C 86 2.38 -1.96 36.73
CA VAL C 86 3.25 -1.63 35.59
C VAL C 86 3.36 -0.12 35.43
N ASP C 87 2.22 0.57 35.48
CA ASP C 87 2.22 2.00 35.25
C ASP C 87 2.81 2.77 36.43
N GLU C 88 2.51 2.32 37.66
CA GLU C 88 2.92 3.07 38.84
C GLU C 88 4.33 2.70 39.30
N LYS C 89 4.69 1.42 39.26
CA LYS C 89 5.94 0.96 39.87
C LYS C 89 7.06 0.69 38.88
N LEU C 90 6.76 0.32 37.62
CA LEU C 90 7.83 -0.07 36.72
C LEU C 90 8.73 1.10 36.37
N PRO C 91 8.22 2.28 36.01
CA PRO C 91 9.14 3.39 35.67
C PRO C 91 10.18 3.67 36.74
N GLY C 92 9.75 3.78 38.00
CA GLY C 92 10.70 3.97 39.08
C GLY C 92 11.63 2.80 39.28
N LEU C 93 11.13 1.58 39.05
CA LEU C 93 11.96 0.39 39.27
C LEU C 93 13.13 0.35 38.30
N LEU C 94 12.85 0.57 37.02
CA LEU C 94 13.91 0.52 36.01
C LEU C 94 14.80 1.74 36.05
N GLY C 95 14.33 2.85 36.61
CA GLY C 95 15.11 4.07 36.60
C GLY C 95 15.04 4.76 35.26
N ASN C 96 15.95 5.71 35.07
CA ASN C 96 16.01 6.46 33.83
C ASN C 96 16.82 5.70 32.78
N PHE C 97 16.39 5.84 31.54
CA PHE C 97 17.14 5.33 30.40
C PHE C 97 18.04 6.42 29.83
N PRO C 98 19.13 6.06 29.16
CA PRO C 98 19.97 7.10 28.54
C PRO C 98 19.21 7.82 27.43
N GLY C 99 19.59 9.08 27.22
CA GLY C 99 18.98 9.86 26.15
C GLY C 99 19.36 9.27 24.81
N PRO C 100 18.49 9.43 23.80
CA PRO C 100 17.24 10.18 23.79
C PRO C 100 16.02 9.35 24.16
N PHE C 101 16.27 8.11 24.57
CA PHE C 101 15.18 7.13 24.70
C PHE C 101 14.21 7.53 25.80
N GLU C 102 14.71 7.94 26.96
CA GLU C 102 13.83 8.32 28.06
C GLU C 102 12.88 9.43 27.62
N GLU C 103 13.40 10.47 26.98
CA GLU C 103 12.55 11.56 26.53
C GLU C 103 11.72 11.16 25.33
N GLU C 104 12.28 10.33 24.44
CA GLU C 104 11.52 9.84 23.30
C GLU C 104 10.30 9.04 23.74
N MET C 105 10.47 8.18 24.75
CA MET C 105 9.34 7.38 25.23
C MET C 105 8.38 8.22 26.04
N LYS C 106 8.89 9.17 26.83
CA LYS C 106 8.01 10.08 27.55
C LYS C 106 7.11 10.86 26.60
N GLY C 107 7.67 11.32 25.48
CA GLY C 107 6.85 12.01 24.49
C GLY C 107 5.80 11.11 23.89
N ILE C 108 6.17 9.86 23.57
CA ILE C 108 5.22 8.92 23.00
C ILE C 108 4.09 8.63 23.98
N ALA C 109 4.40 8.58 25.28
CA ALA C 109 3.38 8.33 26.28
C ALA C 109 2.40 9.49 26.37
N ALA C 110 2.91 10.72 26.29
CA ALA C 110 2.05 11.90 26.42
C ALA C 110 1.09 12.01 25.24
N VAL C 111 1.60 11.84 24.01
CA VAL C 111 0.78 12.06 22.83
C VAL C 111 -0.30 10.99 22.73
N THR C 112 0.05 9.74 23.02
CA THR C 112 -0.87 8.63 22.85
C THR C 112 -1.82 8.45 24.03
N ASP C 113 -1.61 9.16 25.13
CA ASP C 113 -2.36 8.94 26.37
C ASP C 113 -2.16 7.53 26.91
N ILE C 114 -1.06 6.89 26.55
CA ILE C 114 -0.70 5.57 27.05
C ILE C 114 0.29 5.74 28.19
N PRO C 115 0.08 5.10 29.34
CA PRO C 115 1.01 5.27 30.46
C PRO C 115 2.45 4.93 30.06
N LEU C 116 3.40 5.57 30.75
CA LEU C 116 4.81 5.40 30.43
C LEU C 116 5.25 3.95 30.65
N GLY C 117 4.74 3.30 31.70
CA GLY C 117 5.14 1.94 31.98
C GLY C 117 4.81 0.98 30.85
N GLU C 118 3.68 1.21 30.18
CA GLU C 118 3.31 0.37 29.05
C GLU C 118 4.14 0.68 27.82
N ILE C 119 4.42 1.96 27.59
CA ILE C 119 5.32 2.33 26.49
C ILE C 119 6.69 1.72 26.71
N ILE C 120 7.18 1.77 27.96
CA ILE C 120 8.47 1.16 28.28
C ILE C 120 8.42 -0.34 28.04
N SER C 121 7.40 -1.01 28.59
CA SER C 121 7.27 -2.45 28.40
C SER C 121 7.30 -2.82 26.93
N PHE C 122 6.66 -2.01 26.09
CA PHE C 122 6.66 -2.26 24.65
C PHE C 122 8.06 -2.13 24.08
N ASN C 123 8.83 -1.16 24.57
CA ASN C 123 10.15 -0.87 24.02
C ASN C 123 11.25 -1.80 24.54
N ILE C 124 10.99 -2.59 25.57
CA ILE C 124 11.98 -3.53 26.08
C ILE C 124 11.41 -4.95 25.97
N PHE C 125 10.49 -5.16 25.03
CA PHE C 125 9.85 -6.46 24.92
C PHE C 125 10.86 -7.55 24.57
N TYR C 126 11.94 -7.20 23.87
CA TYR C 126 12.96 -8.19 23.54
C TYR C 126 13.55 -8.79 24.81
N GLU C 127 14.05 -7.94 25.72
CA GLU C 127 14.56 -8.43 26.98
C GLU C 127 13.50 -9.20 27.75
N LEU C 128 12.26 -8.71 27.72
CA LEU C 128 11.15 -9.41 28.38
C LEU C 128 10.80 -10.70 27.66
N PHE C 129 11.00 -10.75 26.34
CA PHE C 129 10.64 -11.90 25.52
C PHE C 129 9.13 -11.99 25.36
N CYS D 3 12.34 -15.16 12.82
CA CYS D 3 12.76 -14.23 11.77
C CYS D 3 13.95 -14.78 11.00
N THR D 4 14.10 -14.35 9.76
CA THR D 4 15.19 -14.75 8.88
C THR D 4 15.92 -13.50 8.40
N SER D 5 17.25 -13.52 8.48
CA SER D 5 18.09 -12.47 7.96
C SER D 5 19.11 -13.09 7.02
N ILE D 6 19.25 -12.50 5.83
CA ILE D 6 20.14 -13.03 4.80
C ILE D 6 20.96 -11.87 4.24
N VAL D 7 22.27 -12.05 4.19
CA VAL D 7 23.18 -11.14 3.49
C VAL D 7 23.80 -11.93 2.35
N ALA D 8 23.57 -11.47 1.13
CA ALA D 8 23.98 -12.21 -0.06
C ALA D 8 24.88 -11.36 -0.93
N GLU D 9 25.68 -12.04 -1.75
CA GLU D 9 26.69 -11.42 -2.60
C GLU D 9 26.55 -12.00 -3.99
N ASP D 10 26.27 -11.16 -4.99
CA ASP D 10 26.20 -11.65 -6.36
C ASP D 10 27.60 -11.81 -6.92
N LYS D 11 27.69 -12.34 -8.14
CA LYS D 11 28.99 -12.52 -8.77
C LYS D 11 29.77 -11.23 -8.82
N LYS D 12 29.09 -10.09 -8.99
CA LYS D 12 29.72 -8.79 -9.05
C LYS D 12 30.12 -8.26 -7.68
N GLY D 13 30.01 -9.06 -6.62
CA GLY D 13 30.33 -8.56 -5.29
C GLY D 13 29.27 -7.64 -4.72
N HIS D 14 28.15 -7.48 -5.41
CA HIS D 14 27.08 -6.61 -4.95
C HIS D 14 26.35 -7.25 -3.79
N LEU D 15 26.04 -6.45 -2.78
CA LEU D 15 25.43 -6.95 -1.54
C LEU D 15 23.94 -6.70 -1.54
N ILE D 16 23.19 -7.72 -1.14
CA ILE D 16 21.74 -7.61 -0.90
C ILE D 16 21.48 -8.14 0.50
N HIS D 17 20.75 -7.36 1.29
CA HIS D 17 20.40 -7.72 2.66
C HIS D 17 18.89 -7.78 2.76
N GLY D 18 18.36 -8.98 2.98
CA GLY D 18 16.93 -9.18 3.12
C GLY D 18 16.62 -9.84 4.46
N ARG D 19 15.40 -9.60 4.94
CA ARG D 19 14.99 -10.18 6.22
C ARG D 19 13.47 -10.30 6.27
N ASN D 20 13.00 -11.33 6.97
CA ASN D 20 11.60 -11.51 7.30
C ASN D 20 11.40 -11.26 8.78
N MET D 21 10.44 -10.40 9.12
CA MET D 21 10.14 -10.07 10.50
C MET D 21 9.01 -10.97 10.98
N ASP D 22 9.35 -11.99 11.75
CA ASP D 22 8.38 -12.88 12.37
C ASP D 22 8.26 -12.55 13.85
N PHE D 23 7.04 -12.29 14.30
CA PHE D 23 6.82 -11.96 15.70
C PHE D 23 5.32 -11.93 15.97
N GLY D 24 4.92 -12.46 17.13
CA GLY D 24 3.55 -12.26 17.57
C GLY D 24 2.76 -13.45 18.08
N VAL D 25 3.42 -14.47 18.64
CA VAL D 25 2.69 -15.58 19.25
C VAL D 25 2.19 -15.25 20.65
N PHE D 26 2.71 -14.18 21.26
CA PHE D 26 2.50 -13.97 22.69
C PHE D 26 1.03 -13.98 23.06
N LEU D 27 0.18 -13.35 22.25
CA LEU D 27 -1.22 -13.20 22.62
C LEU D 27 -2.10 -14.33 22.10
N GLY D 28 -1.55 -15.25 21.33
CA GLY D 28 -2.28 -16.41 20.92
C GLY D 28 -2.70 -16.37 19.46
N TRP D 29 -3.68 -17.20 19.14
CA TRP D 29 -4.06 -17.57 17.79
C TRP D 29 -5.51 -17.18 17.56
N ASN D 30 -5.80 -16.59 16.39
CA ASN D 30 -7.17 -16.28 16.00
C ASN D 30 -7.70 -17.49 15.25
N ILE D 31 -8.51 -18.32 15.94
CA ILE D 31 -9.10 -19.48 15.30
C ILE D 31 -10.14 -19.11 14.24
N ASN D 32 -10.56 -17.85 14.19
CA ASN D 32 -11.58 -17.46 13.22
C ASN D 32 -11.01 -17.29 11.81
N ASN D 33 -9.78 -16.78 11.68
CA ASN D 33 -9.16 -16.64 10.36
C ASN D 33 -7.74 -17.18 10.33
N ASP D 34 -7.34 -18.00 11.29
CA ASP D 34 -6.04 -18.67 11.30
C ASP D 34 -4.90 -17.64 11.18
N THR D 35 -4.78 -16.83 12.24
CA THR D 35 -3.71 -15.85 12.31
C THR D 35 -3.28 -15.71 13.76
N TRP D 36 -2.09 -15.15 13.96
CA TRP D 36 -1.62 -14.79 15.28
C TRP D 36 -2.14 -13.40 15.63
N VAL D 37 -2.62 -13.24 16.85
CA VAL D 37 -3.27 -12.00 17.26
C VAL D 37 -2.30 -10.83 17.09
N ILE D 38 -1.12 -10.91 17.71
CA ILE D 38 -0.19 -9.80 17.66
C ILE D 38 0.29 -9.56 16.23
N THR D 39 0.57 -10.63 15.50
CA THR D 39 1.10 -10.48 14.14
C THR D 39 0.18 -9.61 13.30
N GLU D 40 -1.13 -9.86 13.37
CA GLU D 40 -2.08 -9.06 12.61
C GLU D 40 -2.14 -7.63 13.15
N GLN D 41 -1.99 -7.47 14.46
CA GLN D 41 -2.03 -6.14 15.06
C GLN D 41 -0.75 -5.36 14.81
N LEU D 42 0.37 -6.05 14.60
CA LEU D 42 1.62 -5.38 14.29
C LEU D 42 1.69 -4.87 12.86
N LYS D 43 0.91 -5.47 11.95
CA LYS D 43 0.95 -5.04 10.55
C LYS D 43 0.50 -3.60 10.37
N PRO D 44 -0.69 -3.19 10.82
CA PRO D 44 -1.09 -1.78 10.65
C PRO D 44 -0.26 -0.80 11.45
N LEU D 45 0.61 -1.28 12.35
CA LEU D 45 1.54 -0.41 13.06
C LEU D 45 2.89 -0.27 12.36
N THR D 46 3.17 -1.11 11.37
CA THR D 46 4.47 -1.08 10.71
C THR D 46 4.60 0.17 9.84
N VAL D 47 5.77 0.81 9.93
CA VAL D 47 6.02 2.06 9.23
C VAL D 47 7.48 2.10 8.77
N ASN D 48 7.71 2.79 7.66
CA ASN D 48 9.06 3.12 7.21
C ASN D 48 9.43 4.49 7.76
N LEU D 49 10.68 4.63 8.23
CA LEU D 49 11.12 5.81 8.93
C LEU D 49 12.37 6.38 8.27
N ASP D 50 12.32 7.68 7.94
CA ASP D 50 13.43 8.40 7.32
C ASP D 50 14.01 9.35 8.37
N PHE D 51 15.08 8.92 9.03
CA PHE D 51 15.72 9.73 10.05
C PHE D 51 16.66 10.74 9.40
N GLN D 52 16.37 12.04 9.59
CA GLN D 52 17.11 13.11 8.94
C GLN D 52 17.75 14.03 9.97
N ARG D 53 18.94 14.52 9.66
CA ARG D 53 19.61 15.57 10.42
C ARG D 53 19.99 16.67 9.45
N ASN D 54 19.42 17.86 9.66
CA ASN D 54 19.68 19.02 8.81
C ASN D 54 19.17 18.76 7.38
N ASN D 55 17.95 18.23 7.29
CA ASN D 55 17.25 17.95 6.03
C ASN D 55 17.94 16.88 5.18
N LYS D 56 18.89 16.14 5.74
CA LYS D 56 19.57 15.05 5.04
C LYS D 56 19.36 13.73 5.75
N THR D 57 19.06 12.69 4.99
CA THR D 57 18.84 11.37 5.56
C THR D 57 20.09 10.84 6.23
N VAL D 58 19.96 10.46 7.50
CA VAL D 58 21.01 9.74 8.21
C VAL D 58 20.86 8.23 8.03
N PHE D 59 19.69 7.70 8.34
CA PHE D 59 19.43 6.27 8.15
C PHE D 59 17.93 6.07 7.98
N LYS D 60 17.58 4.94 7.35
CA LYS D 60 16.20 4.53 7.17
C LYS D 60 15.98 3.20 7.87
N ALA D 61 14.76 3.00 8.37
CA ALA D 61 14.46 1.84 9.19
C ALA D 61 13.04 1.37 8.96
N SER D 62 12.79 0.12 9.37
CA SER D 62 11.45 -0.44 9.52
C SER D 62 11.21 -0.66 11.01
N SER D 63 10.15 -0.08 11.53
CA SER D 63 9.90 -0.16 12.97
C SER D 63 8.40 -0.20 13.21
N PHE D 64 8.04 -0.50 14.45
CA PHE D 64 6.65 -0.46 14.90
C PHE D 64 6.40 0.84 15.64
N ALA D 65 5.38 1.57 15.22
CA ALA D 65 5.08 2.86 15.83
C ALA D 65 4.95 2.74 17.34
N GLY D 66 5.75 3.54 18.05
CA GLY D 66 5.84 3.46 19.49
C GLY D 66 7.08 2.75 19.99
N TYR D 67 7.77 2.02 19.11
CA TYR D 67 9.00 1.31 19.43
C TYR D 67 10.16 2.15 18.89
N VAL D 68 10.96 2.72 19.80
CA VAL D 68 12.01 3.64 19.39
C VAL D 68 13.33 2.96 19.04
N GLY D 69 13.48 1.68 19.39
CA GLY D 69 14.62 0.92 18.91
C GLY D 69 14.43 0.47 17.47
N MET D 70 15.53 0.07 16.86
CA MET D 70 15.55 -0.31 15.44
C MET D 70 15.89 -1.78 15.30
N LEU D 71 15.02 -2.51 14.61
CA LEU D 71 15.22 -3.92 14.31
C LEU D 71 15.63 -4.18 12.87
N THR D 72 15.28 -3.28 11.96
CA THR D 72 15.63 -3.38 10.55
C THR D 72 15.96 -1.99 10.04
N GLY D 73 17.14 -1.83 9.46
CA GLY D 73 17.52 -0.53 8.92
C GLY D 73 18.82 -0.61 8.16
N PHE D 74 19.19 0.53 7.58
CA PHE D 74 20.47 0.64 6.89
C PHE D 74 20.86 2.10 6.84
N LYS D 75 22.15 2.34 6.60
CA LYS D 75 22.69 3.68 6.43
C LYS D 75 23.11 3.84 4.98
N PRO D 76 22.38 4.60 4.16
CA PRO D 76 22.63 4.57 2.71
C PRO D 76 24.10 4.70 2.35
N GLY D 77 24.59 3.75 1.56
CA GLY D 77 25.96 3.74 1.11
C GLY D 77 26.97 3.18 2.11
N LEU D 78 26.55 2.85 3.33
CA LEU D 78 27.49 2.43 4.37
C LEU D 78 27.25 1.00 4.80
N PHE D 79 26.15 0.69 5.49
CA PHE D 79 25.93 -0.66 5.98
C PHE D 79 24.45 -0.88 6.24
N SER D 80 24.09 -2.14 6.43
CA SER D 80 22.72 -2.56 6.72
C SER D 80 22.73 -3.50 7.91
N LEU D 81 21.72 -3.35 8.78
CA LEU D 81 21.69 -4.08 10.05
C LEU D 81 20.29 -4.62 10.29
N THR D 82 20.20 -5.92 10.61
CA THR D 82 18.98 -6.54 11.08
C THR D 82 19.26 -7.31 12.35
N LEU D 83 18.25 -7.43 13.19
CA LEU D 83 18.37 -8.04 14.51
C LEU D 83 17.45 -9.25 14.59
N ASN D 84 18.00 -10.38 15.00
CA ASN D 84 17.23 -11.60 15.19
C ASN D 84 17.28 -11.99 16.66
N GLU D 85 16.18 -12.56 17.15
CA GLU D 85 16.08 -12.93 18.55
C GLU D 85 16.89 -14.19 18.83
N ARG D 86 17.61 -14.19 19.94
CA ARG D 86 18.37 -15.34 20.41
C ARG D 86 17.87 -15.72 21.80
N PHE D 87 17.59 -17.00 21.99
CA PHE D 87 17.01 -17.49 23.23
C PHE D 87 18.09 -18.15 24.08
N SER D 88 17.99 -17.95 25.40
CA SER D 88 18.94 -18.52 26.34
C SER D 88 18.19 -19.04 27.55
N ILE D 89 18.90 -19.80 28.39
CA ILE D 89 18.27 -20.39 29.57
C ILE D 89 17.72 -19.30 30.49
N ASN D 90 18.50 -18.24 30.72
CA ASN D 90 18.12 -17.22 31.68
C ASN D 90 18.85 -15.91 31.38
N GLY D 91 19.05 -15.61 30.11
CA GLY D 91 19.85 -14.46 29.72
C GLY D 91 19.14 -13.14 29.92
N GLY D 92 17.95 -13.00 29.34
CA GLY D 92 17.27 -11.72 29.34
C GLY D 92 17.08 -11.14 30.73
N TYR D 93 16.69 -11.99 31.69
CA TYR D 93 16.24 -11.48 32.99
C TYR D 93 17.39 -11.21 33.95
N LEU D 94 18.52 -11.92 33.82
CA LEU D 94 19.67 -11.59 34.65
C LEU D 94 20.18 -10.19 34.34
N GLY D 95 20.14 -9.79 33.07
CA GLY D 95 20.57 -8.44 32.71
C GLY D 95 19.65 -7.37 33.28
N ILE D 96 18.33 -7.59 33.20
CA ILE D 96 17.39 -6.64 33.79
C ILE D 96 17.62 -6.57 35.29
N LEU D 97 17.92 -7.71 35.92
CA LEU D 97 18.09 -7.74 37.37
C LEU D 97 19.26 -6.87 37.78
N GLU D 98 20.42 -7.06 37.14
CA GLU D 98 21.58 -6.23 37.45
C GLU D 98 21.31 -4.76 37.16
N TRP D 99 20.46 -4.47 36.16
CA TRP D 99 20.11 -3.09 35.85
C TRP D 99 19.32 -2.46 36.99
N ILE D 100 18.30 -3.17 37.50
CA ILE D 100 17.50 -2.64 38.58
C ILE D 100 18.35 -2.48 39.84
N LEU D 101 19.21 -3.44 40.13
CA LEU D 101 20.08 -3.35 41.29
C LEU D 101 21.25 -2.36 41.10
N GLY D 102 21.30 -1.61 39.99
CA GLY D 102 22.21 -0.49 39.86
C GLY D 102 23.36 -0.64 38.88
N LYS D 103 23.55 -1.82 38.26
CA LYS D 103 24.59 -1.99 37.25
C LYS D 103 24.02 -1.60 35.88
N LYS D 104 24.40 -0.42 35.40
CA LYS D 104 23.82 0.13 34.19
C LYS D 104 24.83 0.29 33.06
N ASP D 105 25.92 -0.49 33.09
CA ASP D 105 26.95 -0.41 32.05
C ASP D 105 26.66 -1.30 30.85
N ALA D 106 25.42 -1.78 30.71
CA ALA D 106 25.01 -2.59 29.58
C ALA D 106 23.86 -1.89 28.85
N MET D 107 23.77 -2.12 27.55
CA MET D 107 22.80 -1.45 26.70
C MET D 107 21.66 -2.39 26.34
N TRP D 108 20.45 -1.83 26.25
CA TRP D 108 19.31 -2.57 25.75
C TRP D 108 19.48 -2.82 24.26
N ILE D 109 18.97 -3.96 23.80
CA ILE D 109 19.28 -4.41 22.44
C ILE D 109 18.69 -3.47 21.41
N GLY D 110 17.43 -3.06 21.59
CA GLY D 110 16.81 -2.17 20.63
C GLY D 110 17.52 -0.84 20.54
N PHE D 111 18.07 -0.35 21.65
CA PHE D 111 18.75 0.93 21.67
C PHE D 111 20.14 0.84 21.04
N LEU D 112 20.83 -0.29 21.23
CA LEU D 112 22.16 -0.43 20.65
C LEU D 112 22.12 -0.36 19.13
N THR D 113 21.22 -1.13 18.51
CA THR D 113 21.09 -1.08 17.06
C THR D 113 20.64 0.30 16.59
N ARG D 114 19.83 0.98 17.40
CA ARG D 114 19.45 2.37 17.10
C ARG D 114 20.66 3.29 17.21
N THR D 115 21.49 3.10 18.25
CA THR D 115 22.67 3.92 18.41
C THR D 115 23.65 3.70 17.25
N VAL D 116 23.77 2.46 16.78
CA VAL D 116 24.68 2.16 15.68
C VAL D 116 24.19 2.80 14.39
N LEU D 117 22.93 2.53 14.02
CA LEU D 117 22.39 3.11 12.79
C LEU D 117 22.44 4.63 12.81
N GLU D 118 22.28 5.24 13.98
CA GLU D 118 22.22 6.70 14.06
C GLU D 118 23.60 7.33 14.04
N ASN D 119 24.56 6.73 14.75
CA ASN D 119 25.84 7.38 15.01
C ASN D 119 27.06 6.61 14.52
N SER D 120 26.89 5.42 13.96
CA SER D 120 28.01 4.69 13.37
C SER D 120 28.18 5.09 11.91
N THR D 121 29.43 5.23 11.49
CA THR D 121 29.76 5.77 10.18
C THR D 121 30.41 4.75 9.25
N SER D 122 30.55 3.49 9.67
CA SER D 122 31.23 2.51 8.83
C SER D 122 30.76 1.11 9.21
N TYR D 123 31.05 0.17 8.31
CA TYR D 123 30.72 -1.24 8.54
C TYR D 123 31.53 -1.81 9.69
N GLU D 124 32.82 -1.44 9.78
CA GLU D 124 33.65 -1.94 10.87
C GLU D 124 33.28 -1.30 12.20
N GLU D 125 33.01 0.01 12.20
CA GLU D 125 32.61 0.67 13.44
C GLU D 125 31.37 0.01 14.02
N ALA D 126 30.37 -0.23 13.17
CA ALA D 126 29.20 -0.98 13.61
C ALA D 126 29.58 -2.40 14.02
N LYS D 127 30.35 -3.08 13.20
CA LYS D 127 30.81 -4.43 13.52
C LYS D 127 31.53 -4.45 14.87
N ASN D 128 32.47 -3.53 15.07
CA ASN D 128 33.22 -3.49 16.32
C ASN D 128 32.31 -3.20 17.51
N LEU D 129 31.38 -2.25 17.36
CA LEU D 129 30.46 -1.93 18.45
C LEU D 129 29.50 -3.07 18.71
N LEU D 130 28.94 -3.66 17.64
CA LEU D 130 27.99 -4.75 17.82
C LEU D 130 28.64 -5.97 18.46
N THR D 131 29.95 -6.14 18.27
CA THR D 131 30.64 -7.31 18.80
C THR D 131 30.98 -7.15 20.28
N LYS D 132 31.34 -5.94 20.71
CA LYS D 132 31.99 -5.77 22.01
C LYS D 132 31.09 -5.18 23.09
N THR D 133 30.02 -4.47 22.73
CA THR D 133 29.24 -3.74 23.72
C THR D 133 28.47 -4.72 24.61
N LYS D 134 28.51 -4.49 25.92
CA LYS D 134 27.71 -5.29 26.83
C LYS D 134 26.24 -5.04 26.60
N ILE D 135 25.45 -6.11 26.59
CA ILE D 135 24.03 -6.05 26.34
C ILE D 135 23.33 -6.83 27.45
N LEU D 136 22.05 -6.49 27.67
CA LEU D 136 21.28 -7.11 28.73
C LEU D 136 20.68 -8.45 28.34
N ALA D 137 20.76 -8.84 27.07
CA ALA D 137 20.18 -10.10 26.62
C ALA D 137 20.95 -10.59 25.40
N PRO D 138 20.97 -11.89 25.15
CA PRO D 138 21.63 -12.40 23.94
C PRO D 138 20.86 -12.02 22.69
N ALA D 139 21.56 -12.04 21.56
CA ALA D 139 20.95 -11.60 20.31
C ALA D 139 21.84 -12.02 19.14
N TYR D 140 21.27 -11.94 17.94
CA TYR D 140 21.99 -12.07 16.70
C TYR D 140 22.02 -10.73 15.99
N PHE D 141 23.20 -10.32 15.53
CA PHE D 141 23.36 -9.13 14.72
C PHE D 141 23.82 -9.57 13.33
N ILE D 142 23.06 -9.18 12.31
CA ILE D 142 23.39 -9.47 10.92
C ILE D 142 23.74 -8.14 10.25
N LEU D 143 24.98 -8.02 9.80
CA LEU D 143 25.52 -6.76 9.32
C LEU D 143 26.03 -6.92 7.91
N GLY D 144 25.68 -5.97 7.03
CA GLY D 144 26.21 -5.92 5.69
C GLY D 144 26.85 -4.58 5.43
N GLY D 145 27.85 -4.57 4.54
CA GLY D 145 28.64 -3.39 4.28
C GLY D 145 28.38 -2.78 2.92
N ASN D 146 29.29 -1.88 2.53
CA ASN D 146 29.24 -1.20 1.24
C ASN D 146 30.24 -1.76 0.24
N GLN D 147 30.84 -2.91 0.53
CA GLN D 147 31.80 -3.55 -0.35
C GLN D 147 31.57 -5.05 -0.34
N SER D 148 32.23 -5.74 -1.27
CA SER D 148 32.11 -7.19 -1.34
C SER D 148 32.83 -7.84 -0.17
N GLY D 149 32.25 -8.94 0.33
CA GLY D 149 32.80 -9.65 1.45
C GLY D 149 32.40 -9.12 2.80
N GLU D 150 31.76 -7.94 2.85
CA GLU D 150 31.38 -7.31 4.11
C GLU D 150 29.97 -7.76 4.49
N GLY D 151 29.90 -8.98 5.01
CA GLY D 151 28.67 -9.51 5.57
C GLY D 151 29.01 -10.45 6.70
N CYS D 152 28.28 -10.37 7.82
CA CYS D 152 28.59 -11.24 8.93
C CYS D 152 27.38 -11.41 9.83
N VAL D 153 27.37 -12.54 10.53
CA VAL D 153 26.40 -12.82 11.58
C VAL D 153 27.16 -12.85 12.91
N ILE D 154 26.73 -12.03 13.86
CA ILE D 154 27.37 -11.93 15.16
C ILE D 154 26.42 -12.59 16.16
N THR D 155 26.77 -13.80 16.59
CA THR D 155 26.03 -14.47 17.67
C THR D 155 26.55 -13.94 19.00
N ARG D 156 25.67 -13.29 19.76
CA ARG D 156 26.08 -12.58 20.97
C ARG D 156 25.58 -13.27 22.22
N ASP D 157 26.43 -13.23 23.25
CA ASP D 157 26.03 -13.42 24.62
C ASP D 157 25.97 -12.04 25.27
N ARG D 158 25.44 -11.98 26.49
CA ARG D 158 25.29 -10.68 27.15
C ARG D 158 26.63 -9.94 27.24
N LYS D 159 27.73 -10.66 27.49
CA LYS D 159 29.02 -10.03 27.68
C LYS D 159 30.11 -10.60 26.77
N GLU D 160 29.75 -11.34 25.73
CA GLU D 160 30.75 -11.97 24.89
C GLU D 160 30.22 -12.19 23.48
N SER D 161 31.13 -12.23 22.52
CA SER D 161 30.80 -12.57 21.13
C SER D 161 31.24 -14.01 20.89
N LEU D 162 30.26 -14.91 20.80
CA LEU D 162 30.56 -16.34 20.69
C LEU D 162 31.06 -16.70 19.30
N ASP D 163 30.64 -15.97 18.28
CA ASP D 163 31.02 -16.29 16.92
C ASP D 163 30.72 -15.09 16.02
N VAL D 164 31.60 -14.86 15.06
CA VAL D 164 31.37 -13.88 14.00
C VAL D 164 31.54 -14.62 12.68
N TYR D 165 30.44 -14.82 11.97
CA TYR D 165 30.41 -15.64 10.77
C TYR D 165 30.38 -14.72 9.56
N GLU D 166 31.44 -14.74 8.76
CA GLU D 166 31.65 -13.76 7.71
C GLU D 166 31.58 -14.41 6.33
N LEU D 167 31.22 -13.59 5.34
CA LEU D 167 31.21 -14.05 3.95
C LEU D 167 32.63 -14.36 3.48
N ASP D 168 32.75 -15.44 2.70
CA ASP D 168 34.01 -15.84 2.08
C ASP D 168 33.65 -16.32 0.68
N ALA D 169 33.57 -15.37 -0.27
CA ALA D 169 33.24 -15.72 -1.64
C ALA D 169 34.31 -16.61 -2.28
N LYS D 170 35.59 -16.39 -1.93
CA LYS D 170 36.64 -17.27 -2.42
C LYS D 170 36.37 -18.71 -2.03
N GLN D 171 36.08 -18.93 -0.73
CA GLN D 171 35.82 -20.27 -0.21
C GLN D 171 34.50 -20.84 -0.72
N GLY D 172 33.64 -20.00 -1.29
CA GLY D 172 32.31 -20.41 -1.70
C GLY D 172 31.19 -19.97 -0.80
N ARG D 173 31.45 -19.09 0.18
CA ARG D 173 30.41 -18.55 1.05
C ARG D 173 29.99 -17.20 0.48
N TRP D 174 29.00 -17.22 -0.41
CA TRP D 174 28.49 -15.98 -0.99
C TRP D 174 27.26 -15.45 -0.28
N TYR D 175 26.83 -16.10 0.81
CA TYR D 175 25.75 -15.56 1.63
C TYR D 175 25.93 -16.02 3.07
N VAL D 176 25.28 -15.31 3.98
CA VAL D 176 25.16 -15.74 5.37
C VAL D 176 23.69 -15.67 5.76
N VAL D 177 23.19 -16.76 6.35
CA VAL D 177 21.81 -16.86 6.77
C VAL D 177 21.77 -16.99 8.28
N GLN D 178 20.79 -16.34 8.90
CA GLN D 178 20.60 -16.44 10.34
C GLN D 178 19.12 -16.49 10.66
N THR D 179 18.72 -17.49 11.46
CA THR D 179 17.35 -17.57 11.94
C THR D 179 17.34 -17.32 13.45
N ASN D 180 16.91 -18.31 14.25
CA ASN D 180 16.79 -18.11 15.69
C ASN D 180 17.49 -19.21 16.50
N TYR D 181 18.44 -19.92 15.90
CA TYR D 181 19.22 -20.91 16.62
C TYR D 181 20.68 -20.83 16.20
N ASP D 182 21.56 -21.14 17.13
CA ASP D 182 22.99 -21.05 16.86
C ASP D 182 23.37 -21.94 15.68
N ARG D 183 24.20 -21.39 14.80
CA ARG D 183 24.50 -22.06 13.54
C ARG D 183 25.10 -23.44 13.77
N TRP D 184 25.97 -23.58 14.77
CA TRP D 184 26.65 -24.83 15.05
C TRP D 184 25.81 -25.80 15.85
N LYS D 185 24.57 -25.46 16.17
CA LYS D 185 23.65 -26.29 16.92
C LYS D 185 22.53 -26.74 15.99
N HIS D 186 21.36 -27.04 16.53
CA HIS D 186 20.23 -27.53 15.76
C HIS D 186 18.97 -26.75 16.11
N PRO D 187 18.00 -26.70 15.19
CA PRO D 187 16.76 -25.96 15.46
C PRO D 187 15.86 -26.67 16.45
N PHE D 188 14.99 -25.89 17.07
CA PHE D 188 14.10 -26.41 18.10
C PHE D 188 12.96 -27.24 17.52
N PHE D 189 12.53 -26.95 16.29
CA PHE D 189 11.30 -27.54 15.76
C PHE D 189 11.52 -27.95 14.31
N LEU D 190 10.41 -28.25 13.63
CA LEU D 190 10.40 -28.50 12.20
C LEU D 190 10.55 -27.22 11.41
N ASP D 191 10.10 -26.09 11.98
CA ASP D 191 10.04 -24.86 11.22
C ASP D 191 11.32 -24.71 10.41
N ASP D 192 12.46 -24.88 11.09
CA ASP D 192 13.77 -24.93 10.43
C ASP D 192 13.73 -24.10 9.16
N ARG D 193 13.58 -22.78 9.31
CA ARG D 193 13.56 -21.90 8.16
C ARG D 193 14.94 -21.76 7.54
N ARG D 194 15.98 -22.12 8.29
CA ARG D 194 17.34 -21.93 7.80
C ARG D 194 17.66 -22.88 6.65
N THR D 195 17.37 -24.17 6.82
CA THR D 195 17.71 -25.14 5.78
C THR D 195 17.00 -24.85 4.47
N PRO D 196 15.69 -24.63 4.44
CA PRO D 196 15.05 -24.24 3.17
C PRO D 196 15.54 -22.91 2.63
N ALA D 197 15.86 -21.95 3.51
CA ALA D 197 16.41 -20.69 3.04
C ALA D 197 17.70 -20.93 2.28
N LYS D 198 18.56 -21.80 2.79
CA LYS D 198 19.80 -22.15 2.08
C LYS D 198 19.51 -22.94 0.82
N MET D 199 18.54 -23.84 0.86
CA MET D 199 18.17 -24.61 -0.34
C MET D 199 17.75 -23.67 -1.45
N CYS D 200 16.94 -22.66 -1.14
CA CYS D 200 16.48 -21.73 -2.17
C CYS D 200 17.59 -20.76 -2.56
N LEU D 201 18.41 -20.33 -1.60
CA LEU D 201 19.58 -19.54 -1.95
C LEU D 201 20.50 -20.35 -2.86
N ASN D 202 20.65 -21.64 -2.58
CA ASN D 202 21.48 -22.50 -3.42
C ASN D 202 20.91 -22.63 -4.82
N ARG D 203 19.60 -22.89 -4.93
CA ARG D 203 19.01 -23.09 -6.24
C ARG D 203 19.11 -21.83 -7.09
N THR D 204 18.96 -20.66 -6.45
CA THR D 204 19.09 -19.40 -7.18
C THR D 204 20.51 -19.24 -7.72
N SER D 205 21.51 -19.64 -6.94
CA SER D 205 22.91 -19.52 -7.34
C SER D 205 23.37 -18.08 -7.26
N GLN D 206 24.68 -17.89 -7.03
CA GLN D 206 25.22 -16.56 -6.79
C GLN D 206 24.94 -15.62 -7.96
N GLU D 207 24.94 -16.14 -9.20
CA GLU D 207 24.76 -15.28 -10.36
C GLU D 207 23.42 -14.54 -10.33
N ASN D 208 22.38 -15.19 -9.80
CA ASN D 208 21.02 -14.68 -9.92
C ASN D 208 20.51 -14.00 -8.67
N ILE D 209 21.34 -13.83 -7.63
CA ILE D 209 20.84 -13.21 -6.42
C ILE D 209 20.51 -11.75 -6.72
N SER D 210 19.32 -11.32 -6.30
CA SER D 210 18.81 -9.99 -6.61
C SER D 210 17.64 -9.71 -5.68
N PHE D 211 17.08 -8.51 -5.80
CA PHE D 211 15.86 -8.19 -5.06
C PHE D 211 14.75 -9.18 -5.43
N GLU D 212 14.71 -9.61 -6.69
CA GLU D 212 13.66 -10.53 -7.14
C GLU D 212 13.87 -11.92 -6.57
N THR D 213 15.10 -12.44 -6.65
CA THR D 213 15.36 -13.77 -6.14
C THR D 213 15.43 -13.80 -4.62
N MET D 214 15.90 -12.73 -3.99
CA MET D 214 15.88 -12.65 -2.53
C MET D 214 14.45 -12.68 -2.02
N TYR D 215 13.56 -11.89 -2.64
CA TYR D 215 12.16 -11.91 -2.24
C TYR D 215 11.52 -13.26 -2.53
N ASP D 216 12.03 -13.98 -3.52
CA ASP D 216 11.57 -15.35 -3.76
C ASP D 216 11.92 -16.26 -2.59
N VAL D 217 13.14 -16.15 -2.08
CA VAL D 217 13.55 -16.95 -0.93
C VAL D 217 12.66 -16.68 0.27
N LEU D 218 12.42 -15.40 0.56
CA LEU D 218 11.65 -14.99 1.72
C LEU D 218 10.15 -15.16 1.53
N SER D 219 9.71 -15.66 0.38
CA SER D 219 8.30 -15.97 0.14
C SER D 219 8.02 -17.45 0.12
N THR D 220 9.03 -18.29 0.38
CA THR D 220 8.86 -19.74 0.39
C THR D 220 8.62 -20.20 1.82
N LYS D 221 7.59 -21.01 2.01
CA LYS D 221 7.29 -21.57 3.32
C LYS D 221 8.34 -22.64 3.63
N PRO D 222 8.78 -22.72 4.91
CA PRO D 222 8.33 -21.97 6.07
C PRO D 222 9.04 -20.63 6.28
N VAL D 223 9.92 -20.24 5.36
CA VAL D 223 10.59 -18.95 5.50
C VAL D 223 9.54 -17.84 5.57
N LEU D 224 8.49 -17.96 4.77
CA LEU D 224 7.26 -17.21 4.96
C LEU D 224 6.32 -18.06 5.80
N ASN D 225 5.73 -17.47 6.83
CA ASN D 225 4.87 -18.19 7.74
C ASN D 225 3.87 -17.21 8.34
N LYS D 226 3.01 -17.73 9.22
CA LYS D 226 1.93 -16.92 9.78
C LYS D 226 2.47 -15.78 10.64
N LEU D 227 3.67 -15.94 11.23
CA LEU D 227 4.24 -14.88 12.06
C LEU D 227 4.88 -13.77 11.25
N THR D 228 5.00 -13.92 9.94
CA THR D 228 5.75 -12.96 9.13
C THR D 228 4.94 -11.67 9.01
N VAL D 229 5.41 -10.63 9.70
CA VAL D 229 4.74 -9.33 9.63
C VAL D 229 5.10 -8.60 8.34
N TYR D 230 6.39 -8.54 8.02
CA TYR D 230 6.83 -7.82 6.82
C TYR D 230 8.13 -8.42 6.31
N THR D 231 8.40 -8.12 5.04
CA THR D 231 9.65 -8.47 4.37
C THR D 231 10.37 -7.20 3.98
N THR D 232 11.68 -7.16 4.20
CA THR D 232 12.50 -6.01 3.88
C THR D 232 13.62 -6.43 2.92
N LEU D 233 13.85 -5.59 1.91
CA LEU D 233 14.92 -5.77 0.95
C LEU D 233 15.77 -4.51 0.95
N ILE D 234 17.10 -4.68 1.03
CA ILE D 234 18.01 -3.57 1.22
C ILE D 234 19.14 -3.68 0.21
N ASP D 235 19.56 -2.53 -0.31
CA ASP D 235 20.74 -2.44 -1.17
C ASP D 235 21.50 -1.18 -0.75
N VAL D 236 22.68 -1.36 -0.16
CA VAL D 236 23.37 -0.25 0.48
C VAL D 236 23.93 0.69 -0.57
N THR D 237 24.65 0.16 -1.56
CA THR D 237 25.28 1.03 -2.56
C THR D 237 24.23 1.74 -3.40
N LYS D 238 23.17 1.04 -3.80
CA LYS D 238 22.09 1.68 -4.54
C LYS D 238 21.28 2.61 -3.65
N GLY D 239 21.20 2.32 -2.35
CA GLY D 239 20.45 3.16 -1.44
C GLY D 239 18.96 2.87 -1.39
N GLN D 240 18.53 1.71 -1.85
CA GLN D 240 17.11 1.39 -1.91
C GLN D 240 16.72 0.53 -0.72
N PHE D 241 15.61 0.87 -0.08
CA PHE D 241 15.15 0.22 1.14
C PHE D 241 13.63 0.18 1.10
N GLU D 242 13.06 -1.00 0.95
CA GLU D 242 11.62 -1.16 0.83
C GLU D 242 11.15 -2.30 1.72
N THR D 243 9.95 -2.12 2.29
CA THR D 243 9.35 -3.09 3.19
C THR D 243 7.93 -3.37 2.75
N TYR D 244 7.56 -4.65 2.74
CA TYR D 244 6.25 -5.09 2.30
C TYR D 244 5.60 -5.92 3.39
N LEU D 245 4.37 -5.58 3.75
CA LEU D 245 3.59 -6.41 4.65
C LEU D 245 3.24 -7.73 3.95
N ARG D 246 3.21 -8.81 4.72
CA ARG D 246 3.02 -10.15 4.17
C ARG D 246 1.78 -10.80 4.78
N ASP D 247 1.25 -11.77 4.04
CA ASP D 247 0.24 -12.68 4.54
C ASP D 247 0.61 -14.09 4.09
N CYS D 248 0.25 -15.08 4.90
CA CYS D 248 0.43 -16.49 4.54
C CYS D 248 -0.93 -17.16 4.61
N PRO D 249 -1.72 -17.11 3.55
CA PRO D 249 -3.05 -17.71 3.59
C PRO D 249 -2.95 -19.23 3.69
N ASP D 250 -3.98 -19.81 4.30
CA ASP D 250 -4.07 -21.26 4.39
C ASP D 250 -4.05 -21.85 2.98
N PRO D 251 -3.30 -22.95 2.78
CA PRO D 251 -2.46 -23.63 3.77
C PRO D 251 -1.11 -22.95 3.97
N CYS D 252 -0.63 -22.92 5.21
CA CYS D 252 0.67 -22.38 5.55
C CYS D 252 1.15 -23.08 6.81
N ILE D 253 2.07 -22.46 7.54
CA ILE D 253 2.59 -23.01 8.78
C ILE D 253 2.59 -21.91 9.83
N GLY D 254 2.54 -22.33 11.10
CA GLY D 254 2.42 -21.38 12.18
C GLY D 254 3.64 -20.49 12.33
N TRP D 255 4.83 -21.07 12.33
CA TRP D 255 6.05 -20.29 12.56
C TRP D 255 7.27 -20.92 11.88
C1 NAG E . -16.24 -1.60 7.13
C2 NAG E . -14.84 -1.58 6.53
C3 NAG E . -14.83 -2.34 5.21
C4 NAG E . -15.31 -3.77 5.45
C5 NAG E . -16.68 -3.77 6.14
C6 NAG E . -17.11 -5.17 6.56
C7 NAG E . -13.66 0.45 7.25
C8 NAG E . -13.23 1.84 6.88
N2 NAG E . -14.37 -0.21 6.33
O3 NAG E . -13.51 -2.37 4.69
O4 NAG E . -15.42 -4.46 4.21
O5 NAG E . -16.65 -2.97 7.34
O6 NAG E . -18.01 -5.12 7.67
O7 NAG E . -13.38 -0.05 8.33
H1 NAG E . -16.86 -1.17 6.51
H2 NAG E . -14.23 -2.03 7.14
H3 NAG E . -15.43 -1.92 4.58
H4 NAG E . -14.67 -4.24 6.03
H5 NAG E . -17.34 -3.41 5.53
H61 NAG E . -16.32 -5.68 6.82
H62 NAG E . -17.54 -5.61 5.81
H81 NAG E . -14.03 2.38 6.69
H82 NAG E . -12.66 1.80 6.08
H83 NAG E . -12.72 2.23 7.62
HN2 NAG E . -14.55 0.20 5.53
HO3 NAG E . -13.40 -3.09 4.19
HO6 NAG E . -17.84 -4.40 8.16
C1 NAG E . -14.38 -5.46 4.07
C2 NAG E . -14.88 -6.55 3.14
C3 NAG E . -13.83 -7.64 3.03
C4 NAG E . -12.48 -7.05 2.60
C5 NAG E . -12.09 -5.83 3.44
C6 NAG E . -10.93 -5.08 2.84
C7 NAG E . -17.31 -6.83 2.99
C8 NAG E . -18.52 -7.48 3.58
N2 NAG E . -16.14 -7.10 3.59
O3 NAG E . -14.25 -8.61 2.08
O4 NAG E . -11.47 -8.03 2.77
O5 NAG E . -13.18 -4.89 3.54
O6 NAG E . -10.80 -3.78 3.41
O7 NAG E . -17.38 -6.09 2.02
H1 NAG E . -14.18 -5.85 4.94
H2 NAG E . -15.00 -6.16 2.26
H3 NAG E . -13.72 -8.07 3.89
H4 NAG E . -12.53 -6.79 1.66
H5 NAG E . -11.84 -6.13 4.34
H61 NAG E . -11.06 -4.99 1.88
H62 NAG E . -10.11 -5.58 3.00
H81 NAG E . -18.62 -7.20 4.51
H82 NAG E . -18.42 -8.45 3.55
H83 NAG E . -19.31 -7.22 3.08
HN2 NAG E . -16.14 -7.65 4.31
HO3 NAG E . -14.95 -9.06 2.41
HO6 NAG E . -11.57 -3.34 3.34
C1 BMA E . -11.21 -8.80 1.56
C2 BMA E . -9.73 -8.66 1.21
C3 BMA E . -9.46 -9.45 -0.06
C4 BMA E . -9.94 -10.90 0.09
C5 BMA E . -11.41 -10.94 0.55
C6 BMA E . -11.91 -12.35 0.85
O2 BMA E . -8.91 -9.22 2.22
O3 BMA E . -8.09 -9.40 -0.45
O4 BMA E . -9.81 -11.57 -1.16
O5 BMA E . -11.53 -10.17 1.76
O6 BMA E . -13.07 -12.23 1.65
H1 BMA E . -11.84 -8.40 0.74
H2 BMA E . -9.49 -7.60 1.06
H3 BMA E . -10.02 -9.00 -0.91
H4 BMA E . -9.32 -11.39 0.86
H5 BMA E . -12.05 -10.51 -0.24
H61 BMA E . -11.11 -12.90 1.37
H62 BMA E . -12.11 -12.84 -0.11
HO2 BMA E . -8.01 -9.18 1.89
HO3 BMA E . -7.96 -10.20 -0.99
HO4 BMA E . -9.67 -12.51 -0.93
HO6 BMA E . -13.05 -11.37 2.08
C1 NAG F . -8.24 -11.87 11.49
C2 NAG F . -7.65 -10.75 10.63
C3 NAG F . -7.10 -9.66 11.53
C4 NAG F . -8.19 -9.15 12.46
C5 NAG F . -8.81 -10.30 13.25
C6 NAG F . -10.03 -9.87 14.04
C7 NAG F . -6.89 -11.72 8.51
C8 NAG F . -5.70 -12.16 7.71
N2 NAG F . -6.62 -11.24 9.73
O3 NAG F . -6.61 -8.60 10.73
O4 NAG F . -7.64 -8.21 13.38
O5 NAG F . -9.26 -11.34 12.35
O6 NAG F . -10.81 -10.99 14.44
O7 NAG F . -8.03 -11.78 8.07
H1 NAG F . -7.53 -12.27 12.03
H2 NAG F . -8.37 -10.37 10.10
H3 NAG F . -6.37 -10.02 12.07
H4 NAG F . -8.88 -8.71 11.93
H5 NAG F . -8.15 -10.68 13.86
H61 NAG F . -10.57 -9.28 13.50
H62 NAG F . -9.73 -9.40 14.84
H81 NAG F . -5.24 -12.88 8.17
H82 NAG F . -5.09 -11.41 7.58
H83 NAG F . -6.00 -12.49 6.84
HN2 NAG F . -5.75 -11.21 10.01
HO3 NAG F . -7.19 -7.92 10.74
HO6 NAG F . -10.70 -11.65 13.86
C1 NAG F . -7.94 -6.86 12.96
C2 NAG F . -7.70 -5.94 14.15
C3 NAG F . -8.04 -4.51 13.76
C4 NAG F . -7.29 -4.09 12.50
C5 NAG F . -7.41 -5.14 11.39
C6 NAG F . -6.47 -4.88 10.24
C7 NAG F . -7.91 -6.88 16.41
C8 NAG F . -8.85 -7.27 17.51
N2 NAG F . -8.47 -6.37 15.30
O3 NAG F . -7.68 -3.66 14.85
O4 NAG F . -7.84 -2.89 12.00
O5 NAG F . -7.11 -6.46 11.88
O6 NAG F . -5.39 -5.82 10.24
O7 NAG F . -6.69 -7.01 16.52
H1 NAG F . -8.87 -6.81 12.70
H2 NAG F . -6.74 -5.98 14.38
H3 NAG F . -9.00 -4.44 13.61
H4 NAG F . -6.35 -3.95 12.71
H5 NAG F . -8.33 -5.14 11.04
H61 NAG F . -6.10 -3.98 10.33
H62 NAG F . -6.95 -4.95 9.40
H81 NAG F . -9.46 -7.95 17.18
H82 NAG F . -9.35 -6.48 17.79
H83 NAG F . -8.34 -7.62 18.26
HN2 NAG F . -9.37 -6.29 15.28
HO3 NAG F . -8.21 -3.83 15.54
HO6 NAG F . -5.64 -6.56 10.66
C1 BMA F . -7.51 -1.74 12.81
C2 BMA F . -7.06 -0.60 11.87
C3 BMA F . -6.79 0.67 12.68
C4 BMA F . -7.96 1.00 13.62
C5 BMA F . -8.33 -0.24 14.47
C6 BMA F . -9.53 -0.01 15.36
O2 BMA F . -8.08 -0.28 10.94
O3 BMA F . -6.51 1.78 11.84
O4 BMA F . -7.61 2.07 14.47
O5 BMA F . -8.62 -1.33 13.58
O6 BMA F . -9.94 -1.26 15.90
H1 BMA F . -6.68 -2.01 13.48
H2 BMA F . -6.13 -0.92 11.35
H3 BMA F . -5.90 0.52 13.30
H4 BMA F . -8.84 1.25 13.00
H5 BMA F . -7.48 -0.50 15.11
H61 BMA F . -10.34 0.44 14.76
H62 BMA F . -9.25 0.70 16.15
HO2 BMA F . -7.63 -0.12 10.09
HO3 BMA F . -5.55 1.90 11.88
HO4 BMA F . -8.42 2.27 14.97
HO6 BMA F . -9.87 -1.93 15.19
S SO4 G . -27.23 -20.01 -13.53
O1 SO4 G . -27.95 -20.16 -14.79
O2 SO4 G . -25.81 -19.75 -13.80
O3 SO4 G . -27.78 -18.88 -12.78
O4 SO4 G . -27.36 -21.22 -12.72
S SO4 H . -7.05 -4.76 -29.67
O1 SO4 H . -6.19 -5.92 -29.90
O2 SO4 H . -6.38 -3.55 -30.13
O3 SO4 H . -7.34 -4.65 -28.24
O4 SO4 H . -8.30 -4.94 -30.41
S SO4 I . -16.73 -13.70 -30.78
O1 SO4 I . -16.71 -12.39 -31.42
O2 SO4 I . -15.98 -14.66 -31.59
O3 SO4 I . -16.10 -13.60 -29.45
O4 SO4 I . -18.11 -14.16 -30.63
S SO4 J . -37.79 -16.15 -16.77
O1 SO4 J . -36.88 -17.22 -17.21
O2 SO4 J . -37.18 -14.86 -17.07
O3 SO4 J . -38.04 -16.27 -15.34
O4 SO4 J . -39.06 -16.27 -17.49
C1 NAG K . -7.23 -0.83 -32.07
C2 NAG K . -8.55 -1.57 -31.82
C3 NAG K . -8.50 -2.95 -32.46
C4 NAG K . -8.43 -2.83 -33.98
C5 NAG K . -7.48 -1.71 -34.39
C6 NAG K . -8.18 -0.47 -34.89
C7 NAG K . -9.91 -1.19 -29.81
C8 NAG K . -10.00 -1.40 -28.33
N2 NAG K . -8.81 -1.67 -30.39
O3 NAG K . -9.67 -3.68 -32.09
O4 NAG K . -7.98 -4.05 -34.53
O5 NAG K . -6.61 -1.31 -33.31
O6 NAG K . -7.30 0.40 -35.57
O7 NAG K . -10.79 -0.62 -30.45
H1 NAG K . -6.62 -1.00 -31.32
H2 NAG K . -9.27 -1.06 -32.24
H3 NAG K . -7.71 -3.42 -32.14
H4 NAG K . -9.32 -2.63 -34.32
H5 NAG K . -6.92 -2.05 -35.11
H61 NAG K . -8.56 0.01 -34.13
H62 NAG K . -8.90 -0.73 -35.50
H81 NAG K . -9.25 -0.96 -27.89
H82 NAG K . -9.99 -2.35 -28.13
H83 NAG K . -10.83 -1.01 -28.00
HN2 NAG K . -8.18 -2.09 -29.88
HO3 NAG K . -9.79 -3.61 -31.22
HO4 NAG K . -8.35 -4.73 -34.09
HO6 NAG K . -7.74 1.10 -35.87
C1 NAG L . 2.47 15.94 -28.62
C2 NAG L . 3.67 15.02 -28.77
C3 NAG L . 4.28 15.17 -30.17
C4 NAG L . 3.20 14.91 -31.21
C5 NAG L . 1.98 15.82 -30.97
C6 NAG L . 0.84 15.52 -31.91
C7 NAG L . 5.11 16.46 -27.38
C8 NAG L . 6.13 16.49 -26.28
N2 NAG L . 4.67 15.26 -27.74
O3 NAG L . 5.34 14.24 -30.33
O4 NAG L . 3.72 15.16 -32.51
O5 NAG L . 1.48 15.63 -29.62
O6 NAG L . 1.14 15.95 -33.23
O7 NAG L . 4.72 17.49 -27.94
H1 NAG L . 2.76 16.87 -28.73
H2 NAG L . 3.36 14.10 -28.69
H3 NAG L . 4.62 16.08 -30.27
H4 NAG L . 2.92 13.98 -31.15
H5 NAG L . 2.26 16.74 -31.07
H61 NAG L . 0.04 15.99 -31.59
H62 NAG L . 0.66 14.56 -31.91
H81 NAG L . 6.39 17.42 -26.10
H82 NAG L . 6.91 15.98 -26.54
H83 NAG L . 5.74 16.10 -25.48
HN2 NAG L . 5.00 14.53 -27.29
HO3 NAG L . 5.04 13.42 -30.17
HO4 NAG L . 3.76 14.40 -32.97
HO6 NAG L . 0.52 15.66 -33.79
S SO4 M . -21.58 18.17 -7.30
O1 SO4 M . -20.72 19.26 -7.78
O2 SO4 M . -21.69 17.15 -8.33
O3 SO4 M . -22.91 18.69 -6.98
O4 SO4 M . -21.00 17.60 -6.09
S SO4 N . -29.71 16.09 -22.20
O1 SO4 N . -29.37 17.50 -22.38
O2 SO4 N . -28.48 15.30 -22.26
O3 SO4 N . -30.63 15.66 -23.24
O4 SO4 N . -30.33 15.90 -20.89
S SO4 O . -28.83 7.53 -36.50
O1 SO4 O . -29.36 8.45 -37.49
O2 SO4 O . -27.84 6.67 -37.12
O3 SO4 O . -29.88 6.67 -35.95
O4 SO4 O . -28.23 8.33 -35.44
S SO4 P . -2.72 3.97 36.45
O1 SO4 P . -2.00 4.36 35.24
O2 SO4 P . -2.78 5.10 37.37
O3 SO4 P . -4.07 3.55 36.09
O4 SO4 P . -2.02 2.86 37.10
S SO4 Q . 18.41 6.46 37.83
O1 SO4 Q . 18.69 6.80 36.43
O2 SO4 Q . 19.33 7.21 38.68
O3 SO4 Q . 17.04 6.81 38.15
O4 SO4 Q . 18.62 5.03 38.04
C1 NAG R . 32.45 2.43 2.35
C2 NAG R . 32.65 3.87 1.85
C3 NAG R . 33.95 4.47 2.41
C4 NAG R . 34.06 4.28 3.91
C5 NAG R . 33.87 2.81 4.25
C6 NAG R . 33.94 2.52 5.72
C7 NAG R . 31.55 3.93 -0.34
C8 NAG R . 31.76 3.95 -1.83
N2 NAG R . 32.66 3.91 0.40
O3 NAG R . 33.98 5.86 2.09
O4 NAG R . 35.32 4.72 4.37
O5 NAG R . 32.58 2.38 3.78
O6 NAG R . 33.80 1.13 5.97
O7 NAG R . 30.43 3.93 0.15
H1 NAG R . 33.13 1.85 1.95
H2 NAG R . 31.90 4.41 2.17
H3 NAG R . 34.71 4.03 1.97
H4 NAG R . 33.36 4.80 4.35
H5 NAG R . 34.57 2.30 3.78
H61 NAG R . 33.21 2.99 6.17
H62 NAG R . 34.79 2.82 6.08
H81 NAG R . 32.25 3.17 -2.11
H82 NAG R . 32.27 4.75 -2.08
H83 NAG R . 30.89 3.98 -2.28
HN2 NAG R . 33.46 3.90 -0.02
HO3 NAG R . 34.20 6.32 2.82
HO4 NAG R . 35.35 5.61 4.39
HO6 NAG R . 33.35 0.75 5.31
C1 NAG S . 24.55 10.37 18.70
C2 NAG S . 23.75 10.17 19.99
C3 NAG S . 23.43 11.51 20.61
C4 NAG S . 24.69 12.16 21.12
C5 NAG S . 25.89 11.87 20.20
C6 NAG S . 26.77 10.74 20.69
C7 NAG S . 22.24 8.26 20.30
C8 NAG S . 20.94 7.63 19.90
N2 NAG S . 22.53 9.42 19.71
O3 NAG S . 22.50 11.33 21.68
O4 NAG S . 24.51 13.58 21.18
O5 NAG S . 25.46 11.52 18.87
O6 NAG S . 28.01 10.72 20.02
O7 NAG S . 22.99 7.72 21.12
H1 NAG S . 23.94 10.55 17.97
H2 NAG S . 24.30 9.66 20.61
H3 NAG S . 23.02 12.08 19.93
H4 NAG S . 24.89 11.83 22.02
H5 NAG S . 26.43 12.67 20.13
H61 NAG S . 26.31 9.89 20.55
H62 NAG S . 26.92 10.86 21.65
H81 NAG S . 20.94 7.46 18.94
H82 NAG S . 20.21 8.24 20.13
H83 NAG S . 20.82 6.79 20.39
HN2 NAG S . 21.94 9.77 19.12
HO3 NAG S . 22.27 12.13 22.00
HO4 NAG S . 25.28 13.97 21.39
HO6 NAG S . 28.48 10.01 20.28
C1 NAG T . 24.05 -25.33 -0.30
C2 NAG T . 23.85 -26.60 0.53
C3 NAG T . 25.13 -26.95 1.29
C4 NAG T . 26.30 -27.05 0.32
C5 NAG T . 26.42 -25.76 -0.49
C6 NAG T . 27.47 -25.85 -1.58
C7 NAG T . 21.48 -26.78 1.14
C8 NAG T . 20.45 -26.58 2.21
N2 NAG T . 22.73 -26.46 1.45
O3 NAG T . 24.95 -28.20 1.95
O4 NAG T . 27.51 -27.25 1.05
O5 NAG T . 25.18 -25.49 -1.15
O6 NAG T . 28.50 -24.89 -1.39
O7 NAG T . 21.17 -27.20 0.02
H1 NAG T . 24.20 -24.57 0.31
H2 NAG T . 23.66 -27.34 -0.09
H3 NAG T . 25.31 -26.26 1.94
H4 NAG T . 26.16 -27.80 -0.29
H5 NAG T . 26.64 -25.02 0.11
H61 NAG T . 27.04 -25.70 -2.44
H62 NAG T . 27.86 -26.74 -1.57
H81 NAG T . 20.44 -25.64 2.48
H82 NAG T . 20.68 -27.13 2.98
H83 NAG T . 19.58 -26.84 1.88
HN2 NAG T . 22.90 -26.16 2.29
HO3 NAG T . 25.62 -28.75 1.73
HO4 NAG T . 28.19 -26.93 0.59
HO6 NAG T . 28.97 -24.82 -2.15
S SO4 U . 14.49 -21.93 12.70
O1 SO4 U . 15.27 -22.38 11.56
O2 SO4 U . 15.16 -20.78 13.31
O3 SO4 U . 13.16 -21.53 12.25
O4 SO4 U . 14.38 -23.00 13.68
S SO4 V . 25.19 -18.85 25.96
O1 SO4 V . 24.90 -17.77 25.02
O2 SO4 V . 26.60 -19.23 25.84
O3 SO4 V . 24.92 -18.41 27.32
O4 SO4 V . 24.35 -19.99 25.65
S SO4 W . 31.68 -5.90 34.69
O1 SO4 W . 32.60 -5.66 33.58
O2 SO4 W . 31.70 -4.71 35.55
O3 SO4 W . 32.12 -7.08 35.44
O4 SO4 W . 30.32 -6.15 34.18
S SO4 X . 20.40 -21.30 20.88
O1 SO4 X . 20.75 -22.32 19.89
O2 SO4 X . 21.48 -20.32 20.98
O3 SO4 X . 20.21 -21.94 22.18
O4 SO4 X . 19.18 -20.61 20.47
#